data_109D
# 
_entry.id   109D 
# 
_audit_conform.dict_name       mmcif_pdbx.dic 
_audit_conform.dict_version    5.385 
_audit_conform.dict_location   http://mmcif.pdb.org/dictionaries/ascii/mmcif_pdbx.dic 
# 
loop_
_database_2.database_id 
_database_2.database_code 
_database_2.pdbx_database_accession 
_database_2.pdbx_DOI 
PDB   109D         pdb_0000109d 10.2210/pdb109d/pdb 
RCSB  GDL033       ?            ?                   
WWPDB D_1000170023 ?            ?                   
# 
loop_
_pdbx_audit_revision_history.ordinal 
_pdbx_audit_revision_history.data_content_type 
_pdbx_audit_revision_history.major_revision 
_pdbx_audit_revision_history.minor_revision 
_pdbx_audit_revision_history.revision_date 
1 'Structure model' 1 0 1995-05-08 
2 'Structure model' 1 1 2008-05-22 
3 'Structure model' 1 2 2011-07-13 
4 'Structure model' 1 3 2024-02-07 
# 
_pdbx_audit_revision_details.ordinal             1 
_pdbx_audit_revision_details.revision_ordinal    1 
_pdbx_audit_revision_details.data_content_type   'Structure model' 
_pdbx_audit_revision_details.provider            repository 
_pdbx_audit_revision_details.type                'Initial release' 
_pdbx_audit_revision_details.description         ? 
_pdbx_audit_revision_details.details             ? 
# 
loop_
_pdbx_audit_revision_group.ordinal 
_pdbx_audit_revision_group.revision_ordinal 
_pdbx_audit_revision_group.data_content_type 
_pdbx_audit_revision_group.group 
1 2 'Structure model' 'Version format compliance' 
2 3 'Structure model' 'Version format compliance' 
3 4 'Structure model' 'Data collection'           
4 4 'Structure model' 'Database references'       
5 4 'Structure model' 'Derived calculations'      
# 
loop_
_pdbx_audit_revision_category.ordinal 
_pdbx_audit_revision_category.revision_ordinal 
_pdbx_audit_revision_category.data_content_type 
_pdbx_audit_revision_category.category 
1 4 'Structure model' chem_comp_atom         
2 4 'Structure model' chem_comp_bond         
3 4 'Structure model' database_2             
4 4 'Structure model' pdbx_struct_conn_angle 
5 4 'Structure model' struct_conn            
6 4 'Structure model' struct_site            
# 
loop_
_pdbx_audit_revision_item.ordinal 
_pdbx_audit_revision_item.revision_ordinal 
_pdbx_audit_revision_item.data_content_type 
_pdbx_audit_revision_item.item 
1  4 'Structure model' '_database_2.pdbx_DOI'                      
2  4 'Structure model' '_database_2.pdbx_database_accession'       
3  4 'Structure model' '_pdbx_struct_conn_angle.ptnr1_auth_seq_id' 
4  4 'Structure model' '_pdbx_struct_conn_angle.ptnr3_auth_seq_id' 
5  4 'Structure model' '_pdbx_struct_conn_angle.value'             
6  4 'Structure model' '_struct_conn.pdbx_dist_value'              
7  4 'Structure model' '_struct_conn.ptnr2_auth_seq_id'            
8  4 'Structure model' '_struct_site.pdbx_auth_asym_id'            
9  4 'Structure model' '_struct_site.pdbx_auth_comp_id'            
10 4 'Structure model' '_struct_site.pdbx_auth_seq_id'             
# 
_pdbx_database_status.status_code                     REL 
_pdbx_database_status.entry_id                        109D 
_pdbx_database_status.recvd_initial_deposition_date   1995-02-15 
_pdbx_database_status.deposit_site                    BNL 
_pdbx_database_status.process_site                    NDB 
_pdbx_database_status.status_code_sf                  REL 
_pdbx_database_status.status_code_mr                  ? 
_pdbx_database_status.SG_entry                        ? 
_pdbx_database_status.pdb_format_compatible           Y 
_pdbx_database_status.status_code_cs                  ? 
_pdbx_database_status.status_code_nmr_data            ? 
_pdbx_database_status.methods_development_category    ? 
# 
loop_
_audit_author.name 
_audit_author.pdbx_ordinal 
'Czarny, A.'   1 
'Boykin, D.W.' 2 
'Wood, A.A.'   3 
'Nunn, C.M.'   4 
'Neidle, S.'   5 
'Zhao, M.'     6 
'Wilson, W.D.' 7 
# 
loop_
_citation.id 
_citation.title 
_citation.journal_abbrev 
_citation.journal_volume 
_citation.page_first 
_citation.page_last 
_citation.year 
_citation.journal_id_ASTM 
_citation.country 
_citation.journal_id_ISSN 
_citation.journal_id_CSD 
_citation.book_publisher 
_citation.pdbx_database_id_PubMed 
_citation.pdbx_database_id_DOI 
primary 
;Variability in DNA minor groove width recognised by ligand binding: the crystal structure of a bis-benzimidazole compound bound to the DNA duplex d(CGCGAATTCGCG)2.
;
'Nucleic Acids Res.' 23  3678  3684 1995 NARHAD UK 0305-1048 0389 ? 7478996 10.1093/nar/23.18.3678 
1       
'Analysis of Van Der Waals and Electrostatic Contributions in the Interactions of Minor Groove Binding Benzimidazoles with DNA' 
J.Am.Chem.Soc.       117 4716  4717 1995 JACSAT US 0002-7863 0004 ? ?       ?                      
2       
;Low Temperature Crystallographic Analyses of the Binding of Hoechst 33258 to the Double Helical DNA Dodecamer C-G-C-G-A-A-T-T-C-G-C-G
;
Biochemistry         30  10294 ?    1991 BICHAW US 0006-2960 0033 ? ?       ?                      
# 
loop_
_citation_author.citation_id 
_citation_author.name 
_citation_author.ordinal 
_citation_author.identifier_ORCID 
primary 'Wood, A.A.'      1  ? 
primary 'Nunn, C.M.'      2  ? 
primary 'Czarny, A.'      3  ? 
primary 'Boykin, D.W.'    4  ? 
primary 'Neidle, S.'      5  ? 
1       'Czarny, A.'      6  ? 
1       'Boykin, D.W.'    7  ? 
1       'Wood, A.A.'      8  ? 
1       'Nunn, C.M.'      9  ? 
1       'Neidle, S.'      10 ? 
1       'Zhao, M.'        11 ? 
1       'Wilson, W.D.'    12 ? 
2       'Quintana, J.R.'  13 ? 
2       'Lipanov, A.A.'   14 ? 
2       'Dickerson, R.E.' 15 ? 
# 
loop_
_entity.id 
_entity.type 
_entity.src_method 
_entity.pdbx_description 
_entity.formula_weight 
_entity.pdbx_number_of_molecules 
_entity.pdbx_ec 
_entity.pdbx_mutation 
_entity.pdbx_fragment 
_entity.details 
1 polymer     syn 
;DNA (5'-D(*CP*GP*CP*GP*AP*AP*TP*TP*CP*GP*CP*G)-3')
;
3663.392 2  ? ? ? ? 
2 non-polymer syn '5-(2-IMIDAZOLINYL)-2-[2-(4-HYDROXYPHENYL)-5-BENZIMIDAZOLYL]BENZIMIDAZOLE' 396.445  1  ? ? ? ? 
3 non-polymer syn 'MAGNESIUM ION'                                                            24.305   1  ? ? ? ? 
4 water       nat water                                                                      18.015   90 ? ? ? ? 
# 
_entity_poly.entity_id                      1 
_entity_poly.type                           polydeoxyribonucleotide 
_entity_poly.nstd_linkage                   no 
_entity_poly.nstd_monomer                   no 
_entity_poly.pdbx_seq_one_letter_code       '(DC)(DG)(DC)(DG)(DA)(DA)(DT)(DT)(DC)(DG)(DC)(DG)' 
_entity_poly.pdbx_seq_one_letter_code_can   CGCGAATTCGCG 
_entity_poly.pdbx_strand_id                 A,B 
_entity_poly.pdbx_target_identifier         ? 
# 
loop_
_pdbx_entity_nonpoly.entity_id 
_pdbx_entity_nonpoly.name 
_pdbx_entity_nonpoly.comp_id 
2 '5-(2-IMIDAZOLINYL)-2-[2-(4-HYDROXYPHENYL)-5-BENZIMIDAZOLYL]BENZIMIDAZOLE' IBB 
3 'MAGNESIUM ION'                                                            MG  
4 water                                                                      HOH 
# 
loop_
_entity_poly_seq.entity_id 
_entity_poly_seq.num 
_entity_poly_seq.mon_id 
_entity_poly_seq.hetero 
1 1  DC n 
1 2  DG n 
1 3  DC n 
1 4  DG n 
1 5  DA n 
1 6  DA n 
1 7  DT n 
1 8  DT n 
1 9  DC n 
1 10 DG n 
1 11 DC n 
1 12 DG n 
# 
loop_
_chem_comp.id 
_chem_comp.type 
_chem_comp.mon_nstd_flag 
_chem_comp.name 
_chem_comp.pdbx_synonyms 
_chem_comp.formula 
_chem_comp.formula_weight 
DA  'DNA linking' y "2'-DEOXYADENOSINE-5'-MONOPHOSPHATE"                                       ? 'C10 H14 N5 O6 P' 331.222 
DC  'DNA linking' y "2'-DEOXYCYTIDINE-5'-MONOPHOSPHATE"                                        ? 'C9 H14 N3 O7 P'  307.197 
DG  'DNA linking' y "2'-DEOXYGUANOSINE-5'-MONOPHOSPHATE"                                       ? 'C10 H14 N5 O7 P' 347.221 
DT  'DNA linking' y "THYMIDINE-5'-MONOPHOSPHATE"                                               ? 'C10 H15 N2 O8 P' 322.208 
HOH non-polymer   . WATER                                                                      ? 'H2 O'            18.015  
IBB non-polymer   . '5-(2-IMIDAZOLINYL)-2-[2-(4-HYDROXYPHENYL)-5-BENZIMIDAZOLYL]BENZIMIDAZOLE' ? 'C23 H20 N6 O'    396.445 
MG  non-polymer   . 'MAGNESIUM ION'                                                            ? 'Mg 2'            24.305  
# 
loop_
_pdbx_poly_seq_scheme.asym_id 
_pdbx_poly_seq_scheme.entity_id 
_pdbx_poly_seq_scheme.seq_id 
_pdbx_poly_seq_scheme.mon_id 
_pdbx_poly_seq_scheme.ndb_seq_num 
_pdbx_poly_seq_scheme.pdb_seq_num 
_pdbx_poly_seq_scheme.auth_seq_num 
_pdbx_poly_seq_scheme.pdb_mon_id 
_pdbx_poly_seq_scheme.auth_mon_id 
_pdbx_poly_seq_scheme.pdb_strand_id 
_pdbx_poly_seq_scheme.pdb_ins_code 
_pdbx_poly_seq_scheme.hetero 
A 1 1  DC 1  1  1  DC C A . n 
A 1 2  DG 2  2  2  DG G A . n 
A 1 3  DC 3  3  3  DC C A . n 
A 1 4  DG 4  4  4  DG G A . n 
A 1 5  DA 5  5  5  DA A A . n 
A 1 6  DA 6  6  6  DA A A . n 
A 1 7  DT 7  7  7  DT T A . n 
A 1 8  DT 8  8  8  DT T A . n 
A 1 9  DC 9  9  9  DC C A . n 
A 1 10 DG 10 10 10 DG G A . n 
A 1 11 DC 11 11 11 DC C A . n 
A 1 12 DG 12 12 12 DG G A . n 
B 1 1  DC 1  13 13 DC C B . n 
B 1 2  DG 2  14 14 DG G B . n 
B 1 3  DC 3  15 15 DC C B . n 
B 1 4  DG 4  16 16 DG G B . n 
B 1 5  DA 5  17 17 DA A B . n 
B 1 6  DA 6  18 18 DA A B . n 
B 1 7  DT 7  19 19 DT T B . n 
B 1 8  DT 8  20 20 DT T B . n 
B 1 9  DC 9  21 21 DC C B . n 
B 1 10 DG 10 22 22 DG G B . n 
B 1 11 DC 11 23 23 DC C B . n 
B 1 12 DG 12 24 24 DG G B . n 
# 
loop_
_pdbx_nonpoly_scheme.asym_id 
_pdbx_nonpoly_scheme.entity_id 
_pdbx_nonpoly_scheme.mon_id 
_pdbx_nonpoly_scheme.ndb_seq_num 
_pdbx_nonpoly_scheme.pdb_seq_num 
_pdbx_nonpoly_scheme.auth_seq_num 
_pdbx_nonpoly_scheme.pdb_mon_id 
_pdbx_nonpoly_scheme.auth_mon_id 
_pdbx_nonpoly_scheme.pdb_strand_id 
_pdbx_nonpoly_scheme.pdb_ins_code 
C 2 IBB 1  25  25  IBB IBB A . 
D 3 MG  1  26  26  MG  MO6 A . 
E 4 HOH 1  29  29  HOH HOH A . 
E 4 HOH 2  30  30  HOH HOH A . 
E 4 HOH 3  31  31  HOH HOH A . 
E 4 HOH 4  33  33  HOH HOH A . 
E 4 HOH 5  34  34  HOH HOH A . 
E 4 HOH 6  37  37  HOH HOH A . 
E 4 HOH 7  38  38  HOH HOH A . 
E 4 HOH 8  40  40  HOH HOH A . 
E 4 HOH 9  41  41  HOH HOH A . 
E 4 HOH 10 42  42  HOH HOH A . 
E 4 HOH 11 43  43  HOH HOH A . 
E 4 HOH 12 44  44  HOH HOH A . 
E 4 HOH 13 45  45  HOH HOH A . 
E 4 HOH 14 47  47  HOH HOH A . 
E 4 HOH 15 49  49  HOH HOH A . 
E 4 HOH 16 50  50  HOH HOH A . 
E 4 HOH 17 52  52  HOH HOH A . 
E 4 HOH 18 54  54  HOH HOH A . 
E 4 HOH 19 55  55  HOH HOH A . 
E 4 HOH 20 58  58  HOH HOH A . 
E 4 HOH 21 60  60  HOH HOH A . 
E 4 HOH 22 62  62  HOH HOH A . 
E 4 HOH 23 63  63  HOH HOH A . 
E 4 HOH 24 65  65  HOH HOH A . 
E 4 HOH 25 66  66  HOH HOH A . 
E 4 HOH 26 67  67  HOH HOH A . 
E 4 HOH 27 69  69  HOH HOH A . 
E 4 HOH 28 70  70  HOH HOH A . 
E 4 HOH 29 72  72  HOH HOH A . 
E 4 HOH 30 75  75  HOH HOH A . 
E 4 HOH 31 76  76  HOH HOH A . 
E 4 HOH 32 78  78  HOH HOH A . 
E 4 HOH 33 79  79  HOH HOH A . 
E 4 HOH 34 80  80  HOH HOH A . 
E 4 HOH 35 83  83  HOH HOH A . 
E 4 HOH 36 86  86  HOH HOH A . 
E 4 HOH 37 87  87  HOH HOH A . 
E 4 HOH 38 88  88  HOH HOH A . 
E 4 HOH 39 89  89  HOH HOH A . 
E 4 HOH 40 90  90  HOH HOH A . 
E 4 HOH 41 91  91  HOH HOH A . 
E 4 HOH 42 92  92  HOH HOH A . 
E 4 HOH 43 93  93  HOH HOH A . 
E 4 HOH 44 94  94  HOH HOH A . 
E 4 HOH 45 95  95  HOH HOH A . 
E 4 HOH 46 100 100 HOH HOH A . 
E 4 HOH 47 101 101 HOH HOH A . 
E 4 HOH 48 102 102 HOH HOH A . 
E 4 HOH 49 103 103 HOH HOH A . 
E 4 HOH 50 104 104 HOH HOH A . 
E 4 HOH 51 105 105 HOH HOH A . 
E 4 HOH 52 106 106 HOH HOH A . 
E 4 HOH 53 107 107 HOH HOH A . 
E 4 HOH 54 108 108 HOH HOH A . 
E 4 HOH 55 109 109 HOH HOH A . 
E 4 HOH 56 111 26  HOH MO6 A . 
E 4 HOH 57 112 26  HOH MO6 A . 
E 4 HOH 58 113 26  HOH MO6 A . 
E 4 HOH 59 114 26  HOH MO6 A . 
E 4 HOH 60 115 26  HOH MO6 A . 
E 4 HOH 61 116 26  HOH MO6 A . 
F 4 HOH 1  27  27  HOH HOH B . 
F 4 HOH 2  28  28  HOH HOH B . 
F 4 HOH 3  32  32  HOH HOH B . 
F 4 HOH 4  35  35  HOH HOH B . 
F 4 HOH 5  36  36  HOH HOH B . 
F 4 HOH 6  39  39  HOH HOH B . 
F 4 HOH 7  46  46  HOH HOH B . 
F 4 HOH 8  48  48  HOH HOH B . 
F 4 HOH 9  51  51  HOH HOH B . 
F 4 HOH 10 53  53  HOH HOH B . 
F 4 HOH 11 56  56  HOH HOH B . 
F 4 HOH 12 57  57  HOH HOH B . 
F 4 HOH 13 59  59  HOH HOH B . 
F 4 HOH 14 61  61  HOH HOH B . 
F 4 HOH 15 64  64  HOH HOH B . 
F 4 HOH 16 68  68  HOH HOH B . 
F 4 HOH 17 71  71  HOH HOH B . 
F 4 HOH 18 73  73  HOH HOH B . 
F 4 HOH 19 74  74  HOH HOH B . 
F 4 HOH 20 77  77  HOH HOH B . 
F 4 HOH 21 81  81  HOH HOH B . 
F 4 HOH 22 82  82  HOH HOH B . 
F 4 HOH 23 84  84  HOH HOH B . 
F 4 HOH 24 85  85  HOH HOH B . 
F 4 HOH 25 96  96  HOH HOH B . 
F 4 HOH 26 97  97  HOH HOH B . 
F 4 HOH 27 98  98  HOH HOH B . 
F 4 HOH 28 99  99  HOH HOH B . 
F 4 HOH 29 110 110 HOH HOH B . 
# 
_software.name             X-PLOR 
_software.classification   refinement 
_software.version          . 
_software.citation_id      ? 
_software.pdbx_ordinal     1 
# 
_cell.entry_id           109D 
_cell.length_a           24.590 
_cell.length_b           40.440 
_cell.length_c           65.760 
_cell.angle_alpha        90.00 
_cell.angle_beta         90.00 
_cell.angle_gamma        90.00 
_cell.Z_PDB              8 
_cell.pdbx_unique_axis   ? 
# 
_symmetry.entry_id                         109D 
_symmetry.space_group_name_H-M             'P 21 21 21' 
_symmetry.pdbx_full_space_group_name_H-M   ? 
_symmetry.cell_setting                     ? 
_symmetry.Int_Tables_number                19 
# 
_exptl.entry_id          109D 
_exptl.method            'X-RAY DIFFRACTION' 
_exptl.crystals_number   ? 
# 
_exptl_crystal.id                    1 
_exptl_crystal.density_meas          ? 
_exptl_crystal.density_Matthews      2.23 
_exptl_crystal.density_percent_sol   44.88 
_exptl_crystal.description           ? 
# 
_diffrn.id                     1 
_diffrn.crystal_id             1 
_diffrn.ambient_temp           ? 
_diffrn.ambient_temp_details   ? 
# 
_diffrn_detector.diffrn_id              1 
_diffrn_detector.detector               'AREA DETECTOR' 
_diffrn_detector.type                   XENTRONICS 
_diffrn_detector.pdbx_collection_date   ? 
_diffrn_detector.details                ? 
# 
_diffrn_radiation.diffrn_id                        1 
_diffrn_radiation.wavelength_id                    1 
_diffrn_radiation.pdbx_monochromatic_or_laue_m_l   ? 
_diffrn_radiation.monochromator                    ? 
_diffrn_radiation.pdbx_diffrn_protocol             ? 
_diffrn_radiation.pdbx_scattering_type             x-ray 
# 
_diffrn_radiation_wavelength.id           1 
_diffrn_radiation_wavelength.wavelength   1.5418 
_diffrn_radiation_wavelength.wt           1.0 
# 
_diffrn_source.diffrn_id                   1 
_diffrn_source.source                      'ROTATING ANODE' 
_diffrn_source.type                        ENRAF-NONIUS 
_diffrn_source.pdbx_synchrotron_site       ? 
_diffrn_source.pdbx_synchrotron_beamline   ? 
_diffrn_source.pdbx_wavelength             1.5418 
_diffrn_source.pdbx_wavelength_list        ? 
# 
_reflns.entry_id                     109D 
_reflns.observed_criterion_sigma_I   ? 
_reflns.observed_criterion_sigma_F   ? 
_reflns.d_resolution_low             ? 
_reflns.d_resolution_high            ? 
_reflns.number_obs                   ? 
_reflns.number_all                   ? 
_reflns.percent_possible_obs         87.000 
_reflns.pdbx_Rmerge_I_obs            ? 
_reflns.pdbx_Rsym_value              ? 
_reflns.pdbx_netI_over_sigmaI        ? 
_reflns.B_iso_Wilson_estimate        ? 
_reflns.pdbx_redundancy              ? 
_reflns.pdbx_diffrn_id               1 
_reflns.pdbx_ordinal                 1 
# 
_refine.entry_id                                 109D 
_refine.ls_number_reflns_obs                     4016 
_refine.ls_number_reflns_all                     ? 
_refine.pdbx_ls_sigma_I                          ? 
_refine.pdbx_ls_sigma_F                          2.000 
_refine.pdbx_data_cutoff_high_absF               ? 
_refine.pdbx_data_cutoff_low_absF                ? 
_refine.pdbx_data_cutoff_high_rms_absF           ? 
_refine.ls_d_res_low                             8.000 
_refine.ls_d_res_high                            2.000 
_refine.ls_percent_reflns_obs                    ? 
_refine.ls_R_factor_obs                          0.1970000 
_refine.ls_R_factor_all                          ? 
_refine.ls_R_factor_R_work                       0.1970000 
_refine.ls_R_factor_R_free                       ? 
_refine.ls_R_factor_R_free_error                 ? 
_refine.ls_R_factor_R_free_error_details         ? 
_refine.ls_percent_reflns_R_free                 ? 
_refine.ls_number_reflns_R_free                  ? 
_refine.ls_number_parameters                     ? 
_refine.ls_number_restraints                     ? 
_refine.occupancy_min                            ? 
_refine.occupancy_max                            ? 
_refine.B_iso_mean                               ? 
_refine.aniso_B[1][1]                            ? 
_refine.aniso_B[2][2]                            ? 
_refine.aniso_B[3][3]                            ? 
_refine.aniso_B[1][2]                            ? 
_refine.aniso_B[1][3]                            ? 
_refine.aniso_B[2][3]                            ? 
_refine.solvent_model_details                    ? 
_refine.solvent_model_param_ksol                 ? 
_refine.solvent_model_param_bsol                 ? 
_refine.pdbx_ls_cross_valid_method               ? 
_refine.details                                  ? 
_refine.pdbx_starting_model                      ? 
_refine.pdbx_method_to_determine_struct          ? 
_refine.pdbx_isotropic_thermal_model             ? 
_refine.pdbx_stereochemistry_target_values       ? 
_refine.pdbx_stereochem_target_val_spec_case     ? 
_refine.pdbx_R_Free_selection_details            ? 
_refine.pdbx_overall_ESU_R                       ? 
_refine.pdbx_overall_ESU_R_Free                  ? 
_refine.overall_SU_ML                            ? 
_refine.overall_SU_B                             ? 
_refine.pdbx_refine_id                           'X-RAY DIFFRACTION' 
_refine.pdbx_diffrn_id                           1 
_refine.pdbx_TLS_residual_ADP_flag               ? 
_refine.correlation_coeff_Fo_to_Fc               ? 
_refine.correlation_coeff_Fo_to_Fc_free          ? 
_refine.pdbx_solvent_vdw_probe_radii             ? 
_refine.pdbx_solvent_ion_probe_radii             ? 
_refine.pdbx_solvent_shrinkage_radii             ? 
_refine.pdbx_overall_phase_error                 ? 
_refine.overall_SU_R_Cruickshank_DPI             ? 
_refine.pdbx_overall_SU_R_free_Cruickshank_DPI   ? 
_refine.pdbx_overall_SU_R_Blow_DPI               ? 
_refine.pdbx_overall_SU_R_free_Blow_DPI          ? 
# 
_refine_hist.pdbx_refine_id                   'X-RAY DIFFRACTION' 
_refine_hist.cycle_id                         LAST 
_refine_hist.pdbx_number_atoms_protein        0 
_refine_hist.pdbx_number_atoms_nucleic_acid   486 
_refine_hist.pdbx_number_atoms_ligand         37 
_refine_hist.number_atoms_solvent             84 
_refine_hist.number_atoms_total               607 
_refine_hist.d_res_high                       2.000 
_refine_hist.d_res_low                        8.000 
# 
loop_
_refine_ls_restr.type 
_refine_ls_restr.dev_ideal 
_refine_ls_restr.dev_ideal_target 
_refine_ls_restr.weight 
_refine_ls_restr.number 
_refine_ls_restr.pdbx_refine_id 
_refine_ls_restr.pdbx_restraint_function 
x_bond_d                0.020 ? ? ? 'X-RAY DIFFRACTION' ? 
x_bond_d_na             ?     ? ? ? 'X-RAY DIFFRACTION' ? 
x_bond_d_prot           ?     ? ? ? 'X-RAY DIFFRACTION' ? 
x_angle_d               ?     ? ? ? 'X-RAY DIFFRACTION' ? 
x_angle_d_na            ?     ? ? ? 'X-RAY DIFFRACTION' ? 
x_angle_d_prot          ?     ? ? ? 'X-RAY DIFFRACTION' ? 
x_angle_deg             4.30  ? ? ? 'X-RAY DIFFRACTION' ? 
x_angle_deg_na          ?     ? ? ? 'X-RAY DIFFRACTION' ? 
x_angle_deg_prot        ?     ? ? ? 'X-RAY DIFFRACTION' ? 
x_dihedral_angle_d      ?     ? ? ? 'X-RAY DIFFRACTION' ? 
x_dihedral_angle_d_na   ?     ? ? ? 'X-RAY DIFFRACTION' ? 
x_dihedral_angle_d_prot ?     ? ? ? 'X-RAY DIFFRACTION' ? 
x_improper_angle_d      ?     ? ? ? 'X-RAY DIFFRACTION' ? 
x_improper_angle_d_na   ?     ? ? ? 'X-RAY DIFFRACTION' ? 
x_improper_angle_d_prot ?     ? ? ? 'X-RAY DIFFRACTION' ? 
x_mcbond_it             ?     ? ? ? 'X-RAY DIFFRACTION' ? 
x_mcangle_it            ?     ? ? ? 'X-RAY DIFFRACTION' ? 
x_scbond_it             ?     ? ? ? 'X-RAY DIFFRACTION' ? 
x_scangle_it            ?     ? ? ? 'X-RAY DIFFRACTION' ? 
# 
_struct.entry_id                  109D 
_struct.title                     
;VARIABILITY IN DNA MINOR GROOVE WIDTH RECOGNISED BY LIGAND BINDING: THE CRYSTAL STRUCTURE OF A BIS-BENZIMIDAZOLE COMPOUND BOUND TO THE DNA DUPLEX D(CGCGAATTCGCG)2
;
_struct.pdbx_model_details        ? 
_struct.pdbx_CASP_flag            ? 
_struct.pdbx_model_type_details   ? 
# 
_struct_keywords.entry_id        109D 
_struct_keywords.pdbx_keywords   DNA 
_struct_keywords.text            'B-DNA, DOUBLE HELIX, COMPLEXED WITH DRUG, DNA' 
# 
loop_
_struct_asym.id 
_struct_asym.pdbx_blank_PDB_chainid_flag 
_struct_asym.pdbx_modified 
_struct_asym.entity_id 
_struct_asym.details 
A N N 1 ? 
B N N 1 ? 
C N N 2 ? 
D N N 3 ? 
E N N 4 ? 
F N N 4 ? 
# 
_struct_ref.id                         1 
_struct_ref.entity_id                  1 
_struct_ref.db_name                    PDB 
_struct_ref.db_code                    109D 
_struct_ref.pdbx_db_accession          109D 
_struct_ref.pdbx_db_isoform            ? 
_struct_ref.pdbx_seq_one_letter_code   ? 
_struct_ref.pdbx_align_begin           ? 
# 
loop_
_struct_ref_seq.align_id 
_struct_ref_seq.ref_id 
_struct_ref_seq.pdbx_PDB_id_code 
_struct_ref_seq.pdbx_strand_id 
_struct_ref_seq.seq_align_beg 
_struct_ref_seq.pdbx_seq_align_beg_ins_code 
_struct_ref_seq.seq_align_end 
_struct_ref_seq.pdbx_seq_align_end_ins_code 
_struct_ref_seq.pdbx_db_accession 
_struct_ref_seq.db_align_beg 
_struct_ref_seq.pdbx_db_align_beg_ins_code 
_struct_ref_seq.db_align_end 
_struct_ref_seq.pdbx_db_align_end_ins_code 
_struct_ref_seq.pdbx_auth_seq_align_beg 
_struct_ref_seq.pdbx_auth_seq_align_end 
1 1 109D A 1 ? 12 ? 109D 1  ? 12 ? 1  12 
2 1 109D B 1 ? 12 ? 109D 13 ? 24 ? 13 24 
# 
_pdbx_struct_assembly.id                   1 
_pdbx_struct_assembly.details              author_defined_assembly 
_pdbx_struct_assembly.method_details       ? 
_pdbx_struct_assembly.oligomeric_details   dimeric 
_pdbx_struct_assembly.oligomeric_count     2 
# 
_pdbx_struct_assembly_gen.assembly_id       1 
_pdbx_struct_assembly_gen.oper_expression   1 
_pdbx_struct_assembly_gen.asym_id_list      A,B,C,D,E,F 
# 
_pdbx_struct_oper_list.id                   1 
_pdbx_struct_oper_list.type                 'identity operation' 
_pdbx_struct_oper_list.name                 1_555 
_pdbx_struct_oper_list.symmetry_operation   x,y,z 
_pdbx_struct_oper_list.matrix[1][1]         1.0000000000 
_pdbx_struct_oper_list.matrix[1][2]         0.0000000000 
_pdbx_struct_oper_list.matrix[1][3]         0.0000000000 
_pdbx_struct_oper_list.vector[1]            0.0000000000 
_pdbx_struct_oper_list.matrix[2][1]         0.0000000000 
_pdbx_struct_oper_list.matrix[2][2]         1.0000000000 
_pdbx_struct_oper_list.matrix[2][3]         0.0000000000 
_pdbx_struct_oper_list.vector[2]            0.0000000000 
_pdbx_struct_oper_list.matrix[3][1]         0.0000000000 
_pdbx_struct_oper_list.matrix[3][2]         0.0000000000 
_pdbx_struct_oper_list.matrix[3][3]         1.0000000000 
_pdbx_struct_oper_list.vector[3]            0.0000000000 
# 
_struct_biol.id   1 
# 
loop_
_struct_conn.id 
_struct_conn.conn_type_id 
_struct_conn.pdbx_leaving_atom_flag 
_struct_conn.pdbx_PDB_id 
_struct_conn.ptnr1_label_asym_id 
_struct_conn.ptnr1_label_comp_id 
_struct_conn.ptnr1_label_seq_id 
_struct_conn.ptnr1_label_atom_id 
_struct_conn.pdbx_ptnr1_label_alt_id 
_struct_conn.pdbx_ptnr1_PDB_ins_code 
_struct_conn.pdbx_ptnr1_standard_comp_id 
_struct_conn.ptnr1_symmetry 
_struct_conn.ptnr2_label_asym_id 
_struct_conn.ptnr2_label_comp_id 
_struct_conn.ptnr2_label_seq_id 
_struct_conn.ptnr2_label_atom_id 
_struct_conn.pdbx_ptnr2_label_alt_id 
_struct_conn.pdbx_ptnr2_PDB_ins_code 
_struct_conn.ptnr1_auth_asym_id 
_struct_conn.ptnr1_auth_comp_id 
_struct_conn.ptnr1_auth_seq_id 
_struct_conn.ptnr2_auth_asym_id 
_struct_conn.ptnr2_auth_comp_id 
_struct_conn.ptnr2_auth_seq_id 
_struct_conn.ptnr2_symmetry 
_struct_conn.pdbx_ptnr3_label_atom_id 
_struct_conn.pdbx_ptnr3_label_seq_id 
_struct_conn.pdbx_ptnr3_label_comp_id 
_struct_conn.pdbx_ptnr3_label_asym_id 
_struct_conn.pdbx_ptnr3_label_alt_id 
_struct_conn.pdbx_ptnr3_PDB_ins_code 
_struct_conn.details 
_struct_conn.pdbx_dist_value 
_struct_conn.pdbx_value_order 
_struct_conn.pdbx_role 
metalc1  metalc ? ? D MG .  MG ? ? ? 1_555 E HOH .  O  ? ? A MG 26 A HOH 111 1_555 ? ? ? ? ? ? ?               2.179 ? ? 
metalc2  metalc ? ? D MG .  MG ? ? ? 1_555 E HOH .  O  ? ? A MG 26 A HOH 112 1_555 ? ? ? ? ? ? ?               2.192 ? ? 
metalc3  metalc ? ? D MG .  MG ? ? ? 1_555 E HOH .  O  ? ? A MG 26 A HOH 113 1_555 ? ? ? ? ? ? ?               2.200 ? ? 
metalc4  metalc ? ? D MG .  MG ? ? ? 1_555 E HOH .  O  ? ? A MG 26 A HOH 114 1_555 ? ? ? ? ? ? ?               2.305 ? ? 
metalc5  metalc ? ? D MG .  MG ? ? ? 1_555 E HOH .  O  ? ? A MG 26 A HOH 115 1_555 ? ? ? ? ? ? ?               2.206 ? ? 
metalc6  metalc ? ? D MG .  MG ? ? ? 1_555 E HOH .  O  ? ? A MG 26 A HOH 116 1_555 ? ? ? ? ? ? ?               2.251 ? ? 
hydrog1  hydrog ? ? A DC 1  N3 ? ? ? 1_555 B DG  12 N1 ? ? A DC 1  B DG  24  1_555 ? ? ? ? ? ? WATSON-CRICK    ?     ? ? 
hydrog2  hydrog ? ? A DC 1  N4 ? ? ? 1_555 B DG  12 O6 ? ? A DC 1  B DG  24  1_555 ? ? ? ? ? ? WATSON-CRICK    ?     ? ? 
hydrog3  hydrog ? ? A DC 1  O2 ? ? ? 1_555 B DG  12 N2 ? ? A DC 1  B DG  24  1_555 ? ? ? ? ? ? WATSON-CRICK    ?     ? ? 
hydrog4  hydrog ? ? A DG 2  N1 ? ? ? 1_555 B DC  11 N3 ? ? A DG 2  B DC  23  1_555 ? ? ? ? ? ? WATSON-CRICK    ?     ? ? 
hydrog5  hydrog ? ? A DG 2  N2 ? ? ? 1_555 B DC  11 O2 ? ? A DG 2  B DC  23  1_555 ? ? ? ? ? ? WATSON-CRICK    ?     ? ? 
hydrog6  hydrog ? ? A DG 2  O6 ? ? ? 1_555 B DC  11 N4 ? ? A DG 2  B DC  23  1_555 ? ? ? ? ? ? WATSON-CRICK    ?     ? ? 
hydrog7  hydrog ? ? A DC 3  N3 ? ? ? 1_555 B DG  10 N1 ? ? A DC 3  B DG  22  1_555 ? ? ? ? ? ? WATSON-CRICK    ?     ? ? 
hydrog8  hydrog ? ? A DC 3  N4 ? ? ? 1_555 B DG  10 O6 ? ? A DC 3  B DG  22  1_555 ? ? ? ? ? ? WATSON-CRICK    ?     ? ? 
hydrog9  hydrog ? ? A DC 3  O2 ? ? ? 1_555 B DG  10 N2 ? ? A DC 3  B DG  22  1_555 ? ? ? ? ? ? WATSON-CRICK    ?     ? ? 
hydrog10 hydrog ? ? A DG 4  N1 ? ? ? 1_555 B DC  9  N3 ? ? A DG 4  B DC  21  1_555 ? ? ? ? ? ? WATSON-CRICK    ?     ? ? 
hydrog11 hydrog ? ? A DG 4  N2 ? ? ? 1_555 B DC  9  O2 ? ? A DG 4  B DC  21  1_555 ? ? ? ? ? ? WATSON-CRICK    ?     ? ? 
hydrog12 hydrog ? ? A DG 4  O6 ? ? ? 1_555 B DC  9  N4 ? ? A DG 4  B DC  21  1_555 ? ? ? ? ? ? WATSON-CRICK    ?     ? ? 
hydrog13 hydrog ? ? A DA 5  N1 ? ? ? 1_555 B DT  8  N3 ? ? A DA 5  B DT  20  1_555 ? ? ? ? ? ? WATSON-CRICK    ?     ? ? 
hydrog14 hydrog ? ? A DA 5  N6 ? ? ? 1_555 B DT  8  O4 ? ? A DA 5  B DT  20  1_555 ? ? ? ? ? ? WATSON-CRICK    ?     ? ? 
hydrog15 hydrog ? ? A DA 6  N6 ? ? ? 1_555 B DA  6  N1 ? ? A DA 6  B DA  18  1_555 ? ? ? ? ? ? 'DA-DA MISPAIR' ?     ? ? 
hydrog16 hydrog ? ? A DA 6  N1 ? ? ? 1_555 B DT  7  N3 ? ? A DA 6  B DT  19  1_555 ? ? ? ? ? ? WATSON-CRICK    ?     ? ? 
hydrog17 hydrog ? ? A DA 6  N6 ? ? ? 1_555 B DT  7  O4 ? ? A DA 6  B DT  19  1_555 ? ? ? ? ? ? WATSON-CRICK    ?     ? ? 
hydrog18 hydrog ? ? A DT 7  N3 ? ? ? 1_555 B DA  6  N1 ? ? A DT 7  B DA  18  1_555 ? ? ? ? ? ? WATSON-CRICK    ?     ? ? 
hydrog19 hydrog ? ? A DT 7  O4 ? ? ? 1_555 B DA  6  N6 ? ? A DT 7  B DA  18  1_555 ? ? ? ? ? ? WATSON-CRICK    ?     ? ? 
hydrog20 hydrog ? ? A DT 8  N3 ? ? ? 1_555 B DA  5  N1 ? ? A DT 8  B DA  17  1_555 ? ? ? ? ? ? WATSON-CRICK    ?     ? ? 
hydrog21 hydrog ? ? A DT 8  O4 ? ? ? 1_555 B DA  5  N6 ? ? A DT 8  B DA  17  1_555 ? ? ? ? ? ? WATSON-CRICK    ?     ? ? 
hydrog22 hydrog ? ? A DC 9  N3 ? ? ? 1_555 B DG  4  N1 ? ? A DC 9  B DG  16  1_555 ? ? ? ? ? ? WATSON-CRICK    ?     ? ? 
hydrog23 hydrog ? ? A DC 9  N4 ? ? ? 1_555 B DG  4  O6 ? ? A DC 9  B DG  16  1_555 ? ? ? ? ? ? WATSON-CRICK    ?     ? ? 
hydrog24 hydrog ? ? A DC 9  O2 ? ? ? 1_555 B DG  4  N2 ? ? A DC 9  B DG  16  1_555 ? ? ? ? ? ? WATSON-CRICK    ?     ? ? 
hydrog25 hydrog ? ? A DG 10 N1 ? ? ? 1_555 B DC  3  N3 ? ? A DG 10 B DC  15  1_555 ? ? ? ? ? ? WATSON-CRICK    ?     ? ? 
hydrog26 hydrog ? ? A DG 10 N2 ? ? ? 1_555 B DC  3  O2 ? ? A DG 10 B DC  15  1_555 ? ? ? ? ? ? WATSON-CRICK    ?     ? ? 
hydrog27 hydrog ? ? A DG 10 O6 ? ? ? 1_555 B DC  3  N4 ? ? A DG 10 B DC  15  1_555 ? ? ? ? ? ? WATSON-CRICK    ?     ? ? 
hydrog28 hydrog ? ? A DC 11 N3 ? ? ? 1_555 B DG  2  N1 ? ? A DC 11 B DG  14  1_555 ? ? ? ? ? ? WATSON-CRICK    ?     ? ? 
hydrog29 hydrog ? ? A DC 11 N4 ? ? ? 1_555 B DG  2  O6 ? ? A DC 11 B DG  14  1_555 ? ? ? ? ? ? WATSON-CRICK    ?     ? ? 
hydrog30 hydrog ? ? A DC 11 O2 ? ? ? 1_555 B DG  2  N2 ? ? A DC 11 B DG  14  1_555 ? ? ? ? ? ? WATSON-CRICK    ?     ? ? 
hydrog31 hydrog ? ? A DG 12 N1 ? ? ? 1_555 B DC  1  N3 ? ? A DG 12 B DC  13  1_555 ? ? ? ? ? ? WATSON-CRICK    ?     ? ? 
hydrog32 hydrog ? ? A DG 12 N2 ? ? ? 1_555 B DC  1  O2 ? ? A DG 12 B DC  13  1_555 ? ? ? ? ? ? WATSON-CRICK    ?     ? ? 
hydrog33 hydrog ? ? A DG 12 O6 ? ? ? 1_555 B DC  1  N4 ? ? A DG 12 B DC  13  1_555 ? ? ? ? ? ? WATSON-CRICK    ?     ? ? 
# 
loop_
_struct_conn_type.id 
_struct_conn_type.criteria 
_struct_conn_type.reference 
metalc ? ? 
hydrog ? ? 
# 
loop_
_pdbx_struct_conn_angle.id 
_pdbx_struct_conn_angle.ptnr1_label_atom_id 
_pdbx_struct_conn_angle.ptnr1_label_alt_id 
_pdbx_struct_conn_angle.ptnr1_label_asym_id 
_pdbx_struct_conn_angle.ptnr1_label_comp_id 
_pdbx_struct_conn_angle.ptnr1_label_seq_id 
_pdbx_struct_conn_angle.ptnr1_auth_atom_id 
_pdbx_struct_conn_angle.ptnr1_auth_asym_id 
_pdbx_struct_conn_angle.ptnr1_auth_comp_id 
_pdbx_struct_conn_angle.ptnr1_auth_seq_id 
_pdbx_struct_conn_angle.ptnr1_PDB_ins_code 
_pdbx_struct_conn_angle.ptnr1_symmetry 
_pdbx_struct_conn_angle.ptnr2_label_atom_id 
_pdbx_struct_conn_angle.ptnr2_label_alt_id 
_pdbx_struct_conn_angle.ptnr2_label_asym_id 
_pdbx_struct_conn_angle.ptnr2_label_comp_id 
_pdbx_struct_conn_angle.ptnr2_label_seq_id 
_pdbx_struct_conn_angle.ptnr2_auth_atom_id 
_pdbx_struct_conn_angle.ptnr2_auth_asym_id 
_pdbx_struct_conn_angle.ptnr2_auth_comp_id 
_pdbx_struct_conn_angle.ptnr2_auth_seq_id 
_pdbx_struct_conn_angle.ptnr2_PDB_ins_code 
_pdbx_struct_conn_angle.ptnr2_symmetry 
_pdbx_struct_conn_angle.ptnr3_label_atom_id 
_pdbx_struct_conn_angle.ptnr3_label_alt_id 
_pdbx_struct_conn_angle.ptnr3_label_asym_id 
_pdbx_struct_conn_angle.ptnr3_label_comp_id 
_pdbx_struct_conn_angle.ptnr3_label_seq_id 
_pdbx_struct_conn_angle.ptnr3_auth_atom_id 
_pdbx_struct_conn_angle.ptnr3_auth_asym_id 
_pdbx_struct_conn_angle.ptnr3_auth_comp_id 
_pdbx_struct_conn_angle.ptnr3_auth_seq_id 
_pdbx_struct_conn_angle.ptnr3_PDB_ins_code 
_pdbx_struct_conn_angle.ptnr3_symmetry 
_pdbx_struct_conn_angle.value 
_pdbx_struct_conn_angle.value_esd 
1  O ? E HOH . ? A HOH 111 ? 1_555 MG ? D MG . ? A MG 26 ? 1_555 O ? E HOH . ? A HOH 112 ? 1_555 93.1  ? 
2  O ? E HOH . ? A HOH 111 ? 1_555 MG ? D MG . ? A MG 26 ? 1_555 O ? E HOH . ? A HOH 113 ? 1_555 95.5  ? 
3  O ? E HOH . ? A HOH 112 ? 1_555 MG ? D MG . ? A MG 26 ? 1_555 O ? E HOH . ? A HOH 113 ? 1_555 87.0  ? 
4  O ? E HOH . ? A HOH 111 ? 1_555 MG ? D MG . ? A MG 26 ? 1_555 O ? E HOH . ? A HOH 114 ? 1_555 174.7 ? 
5  O ? E HOH . ? A HOH 112 ? 1_555 MG ? D MG . ? A MG 26 ? 1_555 O ? E HOH . ? A HOH 114 ? 1_555 91.3  ? 
6  O ? E HOH . ? A HOH 113 ? 1_555 MG ? D MG . ? A MG 26 ? 1_555 O ? E HOH . ? A HOH 114 ? 1_555 87.5  ? 
7  O ? E HOH . ? A HOH 111 ? 1_555 MG ? D MG . ? A MG 26 ? 1_555 O ? E HOH . ? A HOH 115 ? 1_555 90.9  ? 
8  O ? E HOH . ? A HOH 112 ? 1_555 MG ? D MG . ? A MG 26 ? 1_555 O ? E HOH . ? A HOH 115 ? 1_555 171.6 ? 
9  O ? E HOH . ? A HOH 113 ? 1_555 MG ? D MG . ? A MG 26 ? 1_555 O ? E HOH . ? A HOH 115 ? 1_555 85.3  ? 
10 O ? E HOH . ? A HOH 114 ? 1_555 MG ? D MG . ? A MG 26 ? 1_555 O ? E HOH . ? A HOH 115 ? 1_555 85.0  ? 
11 O ? E HOH . ? A HOH 111 ? 1_555 MG ? D MG . ? A MG 26 ? 1_555 O ? E HOH . ? A HOH 116 ? 1_555 93.6  ? 
12 O ? E HOH . ? A HOH 112 ? 1_555 MG ? D MG . ? A MG 26 ? 1_555 O ? E HOH . ? A HOH 116 ? 1_555 91.1  ? 
13 O ? E HOH . ? A HOH 113 ? 1_555 MG ? D MG . ? A MG 26 ? 1_555 O ? E HOH . ? A HOH 116 ? 1_555 170.7 ? 
14 O ? E HOH . ? A HOH 114 ? 1_555 MG ? D MG . ? A MG 26 ? 1_555 O ? E HOH . ? A HOH 116 ? 1_555 83.5  ? 
15 O ? E HOH . ? A HOH 115 ? 1_555 MG ? D MG . ? A MG 26 ? 1_555 O ? E HOH . ? A HOH 116 ? 1_555 96.0  ? 
# 
loop_
_struct_site.id 
_struct_site.pdbx_evidence_code 
_struct_site.pdbx_auth_asym_id 
_struct_site.pdbx_auth_comp_id 
_struct_site.pdbx_auth_seq_id 
_struct_site.pdbx_auth_ins_code 
_struct_site.pdbx_num_residues 
_struct_site.details 
AC1 Software A IBB 25 ? 12 'BINDING SITE FOR RESIDUE IBB A 25' 
AC2 Software A MG  26 ? 6  'BINDING SITE FOR RESIDUE MG A 26'  
1   ?        ? ?   ?  ? ?  ?                                   
# 
loop_
_struct_site_gen.id 
_struct_site_gen.site_id 
_struct_site_gen.pdbx_num_res 
_struct_site_gen.label_comp_id 
_struct_site_gen.label_asym_id 
_struct_site_gen.label_seq_id 
_struct_site_gen.pdbx_auth_ins_code 
_struct_site_gen.auth_comp_id 
_struct_site_gen.auth_asym_id 
_struct_site_gen.auth_seq_id 
_struct_site_gen.label_atom_id 
_struct_site_gen.label_alt_id 
_struct_site_gen.symmetry 
_struct_site_gen.details 
1  AC1 12 DA  A 5 ? DA  A 5   . ? 1_555 ? 
2  AC1 12 DA  A 6 ? DA  A 6   . ? 1_555 ? 
3  AC1 12 DT  A 7 ? DT  A 7   . ? 1_555 ? 
4  AC1 12 DT  A 8 ? DT  A 8   . ? 1_555 ? 
5  AC1 12 DC  A 9 ? DC  A 9   . ? 1_555 ? 
6  AC1 12 HOH E . ? HOH A 40  . ? 1_555 ? 
7  AC1 12 HOH E . ? HOH A 62  . ? 1_555 ? 
8  AC1 12 HOH E . ? HOH A 66  . ? 1_555 ? 
9  AC1 12 DA  B 6 ? DA  B 18  . ? 1_555 ? 
10 AC1 12 DT  B 7 ? DT  B 19  . ? 1_555 ? 
11 AC1 12 DT  B 8 ? DT  B 20  . ? 1_555 ? 
12 AC1 12 DC  B 9 ? DC  B 21  . ? 1_555 ? 
13 AC2 6  HOH E . ? HOH A 111 . ? 1_555 ? 
14 AC2 6  HOH E . ? HOH A 112 . ? 1_555 ? 
15 AC2 6  HOH E . ? HOH A 113 . ? 1_555 ? 
16 AC2 6  HOH E . ? HOH A 114 . ? 1_555 ? 
17 AC2 6  HOH E . ? HOH A 115 . ? 1_555 ? 
18 AC2 6  HOH E . ? HOH A 116 . ? 1_555 ? 
# 
loop_
_pdbx_validate_rmsd_bond.id 
_pdbx_validate_rmsd_bond.PDB_model_num 
_pdbx_validate_rmsd_bond.auth_atom_id_1 
_pdbx_validate_rmsd_bond.auth_asym_id_1 
_pdbx_validate_rmsd_bond.auth_comp_id_1 
_pdbx_validate_rmsd_bond.auth_seq_id_1 
_pdbx_validate_rmsd_bond.PDB_ins_code_1 
_pdbx_validate_rmsd_bond.label_alt_id_1 
_pdbx_validate_rmsd_bond.auth_atom_id_2 
_pdbx_validate_rmsd_bond.auth_asym_id_2 
_pdbx_validate_rmsd_bond.auth_comp_id_2 
_pdbx_validate_rmsd_bond.auth_seq_id_2 
_pdbx_validate_rmsd_bond.PDB_ins_code_2 
_pdbx_validate_rmsd_bond.label_alt_id_2 
_pdbx_validate_rmsd_bond.bond_value 
_pdbx_validate_rmsd_bond.bond_target_value 
_pdbx_validate_rmsd_bond.bond_deviation 
_pdbx_validate_rmsd_bond.bond_standard_deviation 
_pdbx_validate_rmsd_bond.linker_flag 
1  1 "C3'" A DC 3  ? ? "C2'" A DC 3  ? ? 1.464 1.516 -0.052 0.008 N 
2  1 C5    A DG 4  ? ? N7    A DG 4  ? ? 1.347 1.388 -0.041 0.006 N 
3  1 C6    A DA 6  ? ? N1    A DA 6  ? ? 1.414 1.351 0.063  0.007 N 
4  1 N9    A DA 6  ? ? C4    A DA 6  ? ? 1.416 1.374 0.042  0.006 N 
5  1 C5    A DG 10 ? ? N7    A DG 10 ? ? 1.351 1.388 -0.037 0.006 N 
6  1 N1    B DA 18 ? ? C2    B DA 18 ? ? 1.225 1.339 -0.114 0.009 N 
7  1 C2    B DA 18 ? ? N3    B DA 18 ? ? 1.174 1.331 -0.157 0.009 N 
8  1 N3    B DA 18 ? ? C4    B DA 18 ? ? 1.470 1.344 0.126  0.006 N 
9  1 C6    B DA 18 ? ? N1    B DA 18 ? ? 1.275 1.351 -0.076 0.007 N 
10 1 C5    B DA 18 ? ? N7    B DA 18 ? ? 1.348 1.388 -0.040 0.006 N 
11 1 N9    B DA 18 ? ? C4    B DA 18 ? ? 1.473 1.374 0.099  0.006 N 
12 1 C5    B DG 22 ? ? N7    B DG 22 ? ? 1.345 1.388 -0.043 0.006 N 
13 1 C5    B DG 24 ? ? N7    B DG 24 ? ? 1.345 1.388 -0.043 0.006 N 
# 
loop_
_pdbx_validate_rmsd_angle.id 
_pdbx_validate_rmsd_angle.PDB_model_num 
_pdbx_validate_rmsd_angle.auth_atom_id_1 
_pdbx_validate_rmsd_angle.auth_asym_id_1 
_pdbx_validate_rmsd_angle.auth_comp_id_1 
_pdbx_validate_rmsd_angle.auth_seq_id_1 
_pdbx_validate_rmsd_angle.PDB_ins_code_1 
_pdbx_validate_rmsd_angle.label_alt_id_1 
_pdbx_validate_rmsd_angle.auth_atom_id_2 
_pdbx_validate_rmsd_angle.auth_asym_id_2 
_pdbx_validate_rmsd_angle.auth_comp_id_2 
_pdbx_validate_rmsd_angle.auth_seq_id_2 
_pdbx_validate_rmsd_angle.PDB_ins_code_2 
_pdbx_validate_rmsd_angle.label_alt_id_2 
_pdbx_validate_rmsd_angle.auth_atom_id_3 
_pdbx_validate_rmsd_angle.auth_asym_id_3 
_pdbx_validate_rmsd_angle.auth_comp_id_3 
_pdbx_validate_rmsd_angle.auth_seq_id_3 
_pdbx_validate_rmsd_angle.PDB_ins_code_3 
_pdbx_validate_rmsd_angle.label_alt_id_3 
_pdbx_validate_rmsd_angle.angle_value 
_pdbx_validate_rmsd_angle.angle_target_value 
_pdbx_validate_rmsd_angle.angle_deviation 
_pdbx_validate_rmsd_angle.angle_standard_deviation 
_pdbx_validate_rmsd_angle.linker_flag 
1  1 "O4'" A DC 1  ? ? "C1'" A DC 1  ? ? N1    A DC 1  ? ? 103.46 108.00 -4.54  0.70 N 
2  1 "C3'" A DG 2  ? ? "O3'" A DG 2  ? ? P     A DC 3  ? ? 128.57 119.70 8.87   1.20 Y 
3  1 P     A DC 3  ? ? "O5'" A DC 3  ? ? "C5'" A DC 3  ? ? 109.68 120.90 -11.22 1.60 N 
4  1 "O4'" A DC 3  ? ? "C1'" A DC 3  ? ? "C2'" A DC 3  ? ? 99.90  105.90 -6.00  0.80 N 
5  1 "O4'" A DC 3  ? ? "C1'" A DC 3  ? ? N1    A DC 3  ? ? 113.26 108.30 4.96   0.30 N 
6  1 "O4'" A DA 6  ? ? "C4'" A DA 6  ? ? "C3'" A DA 6  ? ? 101.02 104.50 -3.48  0.40 N 
7  1 "C1'" A DA 6  ? ? "O4'" A DA 6  ? ? "C4'" A DA 6  ? ? 116.89 110.30 6.59   0.70 N 
8  1 "O4'" A DA 6  ? ? "C1'" A DA 6  ? ? "C2'" A DA 6  ? ? 99.87  105.90 -6.03  0.80 N 
9  1 "O4'" A DA 6  ? ? "C1'" A DA 6  ? ? N9    A DA 6  ? ? 111.39 108.30 3.09   0.30 N 
10 1 C6    A DA 6  ? ? N1    A DA 6  ? ? C2    A DA 6  ? ? 105.50 118.60 -13.10 0.60 N 
11 1 N1    A DA 6  ? ? C2    A DA 6  ? ? N3    A DA 6  ? ? 136.72 129.30 7.42   0.50 N 
12 1 N3    A DA 6  ? ? C4    A DA 6  ? ? C5    A DA 6  ? ? 121.93 126.80 -4.87  0.70 N 
13 1 C5    A DA 6  ? ? C6    A DA 6  ? ? N1    A DA 6  ? ? 124.46 117.70 6.76   0.50 N 
14 1 C5    A DA 6  ? ? N7    A DA 6  ? ? C8    A DA 6  ? ? 107.41 103.90 3.51   0.50 N 
15 1 N9    A DA 6  ? ? C4    A DA 6  ? ? C5    A DA 6  ? ? 108.20 105.80 2.40   0.40 N 
16 1 C5    A DA 6  ? ? C6    A DA 6  ? ? N6    A DA 6  ? ? 117.36 123.70 -6.34  0.80 N 
17 1 "C3'" A DA 6  ? ? "O3'" A DA 6  ? ? P     A DT 7  ? ? 129.35 119.70 9.65   1.20 Y 
18 1 "O4'" A DT 7  ? ? "C4'" A DT 7  ? ? "C3'" A DT 7  ? ? 101.04 104.50 -3.46  0.40 N 
19 1 "O4'" A DT 7  ? ? "C1'" A DT 7  ? ? N1    A DT 7  ? ? 113.53 108.30 5.23   0.30 N 
20 1 C6    A DT 7  ? ? N1    A DT 7  ? ? C2    A DT 7  ? ? 118.05 121.30 -3.25  0.50 N 
21 1 N3    A DT 7  ? ? C4    A DT 7  ? ? C5    A DT 7  ? ? 109.49 115.20 -5.71  0.60 N 
22 1 C4    A DT 7  ? ? C5    A DT 7  ? ? C6    A DT 7  ? ? 124.03 118.00 6.03   0.60 N 
23 1 N3    A DT 7  ? ? C2    A DT 7  ? ? O2    A DT 7  ? ? 115.73 122.30 -6.57  0.60 N 
24 1 C6    A DT 7  ? ? C5    A DT 7  ? ? C7    A DT 7  ? ? 116.75 122.90 -6.15  0.60 N 
25 1 "O4'" A DT 8  ? ? "C4'" A DT 8  ? ? "C3'" A DT 8  ? ? 101.84 104.50 -2.66  0.40 N 
26 1 N1    A DT 8  ? ? C2    A DT 8  ? ? N3    A DT 8  ? ? 118.41 114.60 3.81   0.60 N 
27 1 C4    A DT 8  ? ? C5    A DT 8  ? ? C6    A DT 8  ? ? 122.77 118.00 4.77   0.60 N 
28 1 N3    A DT 8  ? ? C2    A DT 8  ? ? O2    A DT 8  ? ? 118.14 122.30 -4.16  0.60 N 
29 1 "O4'" A DC 11 ? ? "C1'" A DC 11 ? ? N1    A DC 11 ? ? 101.07 108.00 -6.93  0.70 N 
30 1 "O4'" A DG 12 ? ? "C4'" A DG 12 ? ? "C3'" A DG 12 ? ? 101.56 104.50 -2.94  0.40 N 
31 1 "C3'" B DC 13 ? ? "O3'" B DC 13 ? ? P     B DG 14 ? ? 127.56 119.70 7.86   1.20 Y 
32 1 "O4'" B DC 15 ? ? "C4'" B DC 15 ? ? "C3'" B DC 15 ? ? 101.34 104.50 -3.16  0.40 N 
33 1 "O4'" B DC 15 ? ? "C1'" B DC 15 ? ? "C2'" B DC 15 ? ? 100.85 105.90 -5.05  0.80 N 
34 1 "O4'" B DC 15 ? ? "C1'" B DC 15 ? ? N1    B DC 15 ? ? 110.88 108.30 2.58   0.30 N 
35 1 C2    B DC 15 ? ? N3    B DC 15 ? ? C4    B DC 15 ? ? 124.02 119.90 4.12   0.50 N 
36 1 N3    B DC 15 ? ? C4    B DC 15 ? ? C5    B DC 15 ? ? 118.42 121.90 -3.48  0.40 N 
37 1 "C3'" B DA 17 ? ? "O3'" B DA 17 ? ? P     B DA 18 ? ? 131.17 119.70 11.47  1.20 Y 
38 1 "C1'" B DA 18 ? ? "O4'" B DA 18 ? ? "C4'" B DA 18 ? ? 118.54 110.30 8.24   0.70 N 
39 1 "O4'" B DA 18 ? ? "C1'" B DA 18 ? ? "C2'" B DA 18 ? ? 95.20  105.90 -10.70 0.80 N 
40 1 C6    B DA 18 ? ? N1    B DA 18 ? ? C2    B DA 18 ? ? 132.96 118.60 14.36  0.60 N 
41 1 N1    B DA 18 ? ? C2    B DA 18 ? ? N3    B DA 18 ? ? 120.94 129.30 -8.36  0.50 N 
42 1 C2    B DA 18 ? ? N3    B DA 18 ? ? C4    B DA 18 ? ? 116.87 110.60 6.27   0.50 N 
43 1 N3    B DA 18 ? ? C4    B DA 18 ? ? C5    B DA 18 ? ? 121.41 126.80 -5.39  0.70 N 
44 1 C4    B DA 18 ? ? C5    B DA 18 ? ? C6    B DA 18 ? ? 111.72 117.00 -5.28  0.50 N 
45 1 N9    B DA 18 ? ? C4    B DA 18 ? ? C5    B DA 18 ? ? 100.33 105.80 -5.47  0.40 N 
46 1 N3    B DA 18 ? ? C4    B DA 18 ? ? N9    B DA 18 ? ? 138.24 127.40 10.84  0.80 N 
47 1 N1    B DA 18 ? ? C6    B DA 18 ? ? N6    B DA 18 ? ? 106.90 118.60 -11.70 0.60 N 
48 1 C5    B DA 18 ? ? C6    B DA 18 ? ? N6    B DA 18 ? ? 137.03 123.70 13.33  0.80 N 
49 1 P     B DT 19 ? ? "O5'" B DT 19 ? ? "C5'" B DT 19 ? ? 108.26 120.90 -12.64 1.60 N 
50 1 "O4'" B DT 19 ? ? "C1'" B DT 19 ? ? N1    B DT 19 ? ? 110.93 108.30 2.63   0.30 N 
51 1 N3    B DT 19 ? ? C4    B DT 19 ? ? C5    B DT 19 ? ? 110.65 115.20 -4.55  0.60 N 
52 1 C4    B DT 19 ? ? C5    B DT 19 ? ? C6    B DT 19 ? ? 122.15 118.00 4.15   0.60 N 
53 1 "O4'" B DT 20 ? ? "C4'" B DT 20 ? ? "C3'" B DT 20 ? ? 100.26 104.50 -4.24  0.40 N 
54 1 "O4'" B DT 20 ? ? "C1'" B DT 20 ? ? N1    B DT 20 ? ? 102.92 108.00 -5.08  0.70 N 
55 1 P     B DC 21 ? ? "O5'" B DC 21 ? ? "C5'" B DC 21 ? ? 111.19 120.90 -9.71  1.60 N 
56 1 "O4'" B DC 21 ? ? "C1'" B DC 21 ? ? N1    B DC 21 ? ? 102.63 108.00 -5.37  0.70 N 
57 1 N1    B DC 21 ? ? C2    B DC 21 ? ? O2    B DC 21 ? ? 122.51 118.90 3.61   0.60 N 
58 1 "O4'" B DG 22 ? ? "C1'" B DG 22 ? ? N9    B DG 22 ? ? 111.21 108.30 2.91   0.30 N 
59 1 "O4'" B DC 23 ? ? "C1'" B DC 23 ? ? N1    B DC 23 ? ? 111.96 108.30 3.66   0.30 N 
60 1 N9    B DG 24 ? ? "C1'" B DG 24 ? ? "C2'" B DG 24 ? ? 100.93 112.60 -11.67 1.90 N 
61 1 "O4'" B DG 24 ? ? "C1'" B DG 24 ? ? N9    B DG 24 ? ? 116.31 108.30 8.01   0.30 N 
62 1 N7    B DG 24 ? ? C8    B DG 24 ? ? N9    B DG 24 ? ? 116.65 113.10 3.55   0.50 N 
63 1 C8    B DG 24 ? ? N9    B DG 24 ? ? C4    B DG 24 ? ? 103.30 106.40 -3.10  0.40 N 
64 1 N3    B DG 24 ? ? C2    B DG 24 ? ? N2    B DG 24 ? ? 114.82 119.90 -5.08  0.70 N 
65 1 N1    B DG 24 ? ? C6    B DG 24 ? ? O6    B DG 24 ? ? 123.63 119.90 3.73   0.60 N 
# 
_struct_site_keywords.site_id   1 
_struct_site_keywords.text      'MINOR GROOVE BINDER' 
# 
loop_
_chem_comp_atom.comp_id 
_chem_comp_atom.atom_id 
_chem_comp_atom.type_symbol 
_chem_comp_atom.pdbx_aromatic_flag 
_chem_comp_atom.pdbx_stereo_config 
_chem_comp_atom.pdbx_ordinal 
DA  OP3    O  N N 1   
DA  P      P  N N 2   
DA  OP1    O  N N 3   
DA  OP2    O  N N 4   
DA  "O5'"  O  N N 5   
DA  "C5'"  C  N N 6   
DA  "C4'"  C  N R 7   
DA  "O4'"  O  N N 8   
DA  "C3'"  C  N S 9   
DA  "O3'"  O  N N 10  
DA  "C2'"  C  N N 11  
DA  "C1'"  C  N R 12  
DA  N9     N  Y N 13  
DA  C8     C  Y N 14  
DA  N7     N  Y N 15  
DA  C5     C  Y N 16  
DA  C6     C  Y N 17  
DA  N6     N  N N 18  
DA  N1     N  Y N 19  
DA  C2     C  Y N 20  
DA  N3     N  Y N 21  
DA  C4     C  Y N 22  
DA  HOP3   H  N N 23  
DA  HOP2   H  N N 24  
DA  "H5'"  H  N N 25  
DA  "H5''" H  N N 26  
DA  "H4'"  H  N N 27  
DA  "H3'"  H  N N 28  
DA  "HO3'" H  N N 29  
DA  "H2'"  H  N N 30  
DA  "H2''" H  N N 31  
DA  "H1'"  H  N N 32  
DA  H8     H  N N 33  
DA  H61    H  N N 34  
DA  H62    H  N N 35  
DA  H2     H  N N 36  
DC  OP3    O  N N 37  
DC  P      P  N N 38  
DC  OP1    O  N N 39  
DC  OP2    O  N N 40  
DC  "O5'"  O  N N 41  
DC  "C5'"  C  N N 42  
DC  "C4'"  C  N R 43  
DC  "O4'"  O  N N 44  
DC  "C3'"  C  N S 45  
DC  "O3'"  O  N N 46  
DC  "C2'"  C  N N 47  
DC  "C1'"  C  N R 48  
DC  N1     N  N N 49  
DC  C2     C  N N 50  
DC  O2     O  N N 51  
DC  N3     N  N N 52  
DC  C4     C  N N 53  
DC  N4     N  N N 54  
DC  C5     C  N N 55  
DC  C6     C  N N 56  
DC  HOP3   H  N N 57  
DC  HOP2   H  N N 58  
DC  "H5'"  H  N N 59  
DC  "H5''" H  N N 60  
DC  "H4'"  H  N N 61  
DC  "H3'"  H  N N 62  
DC  "HO3'" H  N N 63  
DC  "H2'"  H  N N 64  
DC  "H2''" H  N N 65  
DC  "H1'"  H  N N 66  
DC  H41    H  N N 67  
DC  H42    H  N N 68  
DC  H5     H  N N 69  
DC  H6     H  N N 70  
DG  OP3    O  N N 71  
DG  P      P  N N 72  
DG  OP1    O  N N 73  
DG  OP2    O  N N 74  
DG  "O5'"  O  N N 75  
DG  "C5'"  C  N N 76  
DG  "C4'"  C  N R 77  
DG  "O4'"  O  N N 78  
DG  "C3'"  C  N S 79  
DG  "O3'"  O  N N 80  
DG  "C2'"  C  N N 81  
DG  "C1'"  C  N R 82  
DG  N9     N  Y N 83  
DG  C8     C  Y N 84  
DG  N7     N  Y N 85  
DG  C5     C  Y N 86  
DG  C6     C  N N 87  
DG  O6     O  N N 88  
DG  N1     N  N N 89  
DG  C2     C  N N 90  
DG  N2     N  N N 91  
DG  N3     N  N N 92  
DG  C4     C  Y N 93  
DG  HOP3   H  N N 94  
DG  HOP2   H  N N 95  
DG  "H5'"  H  N N 96  
DG  "H5''" H  N N 97  
DG  "H4'"  H  N N 98  
DG  "H3'"  H  N N 99  
DG  "HO3'" H  N N 100 
DG  "H2'"  H  N N 101 
DG  "H2''" H  N N 102 
DG  "H1'"  H  N N 103 
DG  H8     H  N N 104 
DG  H1     H  N N 105 
DG  H21    H  N N 106 
DG  H22    H  N N 107 
DT  OP3    O  N N 108 
DT  P      P  N N 109 
DT  OP1    O  N N 110 
DT  OP2    O  N N 111 
DT  "O5'"  O  N N 112 
DT  "C5'"  C  N N 113 
DT  "C4'"  C  N R 114 
DT  "O4'"  O  N N 115 
DT  "C3'"  C  N S 116 
DT  "O3'"  O  N N 117 
DT  "C2'"  C  N N 118 
DT  "C1'"  C  N R 119 
DT  N1     N  N N 120 
DT  C2     C  N N 121 
DT  O2     O  N N 122 
DT  N3     N  N N 123 
DT  C4     C  N N 124 
DT  O4     O  N N 125 
DT  C5     C  N N 126 
DT  C7     C  N N 127 
DT  C6     C  N N 128 
DT  HOP3   H  N N 129 
DT  HOP2   H  N N 130 
DT  "H5'"  H  N N 131 
DT  "H5''" H  N N 132 
DT  "H4'"  H  N N 133 
DT  "H3'"  H  N N 134 
DT  "HO3'" H  N N 135 
DT  "H2'"  H  N N 136 
DT  "H2''" H  N N 137 
DT  "H1'"  H  N N 138 
DT  H3     H  N N 139 
DT  H71    H  N N 140 
DT  H72    H  N N 141 
DT  H73    H  N N 142 
DT  H6     H  N N 143 
HOH O      O  N N 144 
HOH H1     H  N N 145 
HOH H2     H  N N 146 
IBB C1     C  N N 147 
IBB C2     C  N N 148 
IBB C3     C  N N 149 
IBB C4     C  Y N 150 
IBB C5     C  Y N 151 
IBB C6     C  Y N 152 
IBB C7     C  Y N 153 
IBB C8     C  Y N 154 
IBB C9     C  Y N 155 
IBB C10    C  Y N 156 
IBB C11    C  Y N 157 
IBB C12    C  Y N 158 
IBB C13    C  Y N 159 
IBB C14    C  Y N 160 
IBB C15    C  Y N 161 
IBB C16    C  Y N 162 
IBB C17    C  Y N 163 
IBB C18    C  Y N 164 
IBB C19    C  Y N 165 
IBB C20    C  Y N 166 
IBB C21    C  Y N 167 
IBB C22    C  Y N 168 
IBB C23    C  Y N 169 
IBB N1     N  N N 170 
IBB N2     N  N N 171 
IBB N3     N  Y N 172 
IBB N4     N  Y N 173 
IBB N5     N  Y N 174 
IBB N6     N  Y N 175 
IBB O1     O  N N 176 
IBB H1     H  N N 177 
IBB H21A   H  N N 178 
IBB H22    H  N N 179 
IBB H31    H  N N 180 
IBB H32    H  N N 181 
IBB H5     H  N N 182 
IBB H6     H  N N 183 
IBB H9     H  N N 184 
IBB H13    H  N N 185 
IBB H14    H  N N 186 
IBB H17    H  N N 187 
IBB H18    H  N N 188 
IBB H20    H  N N 189 
IBB H21    H  N N 190 
IBB H23    H  N N 191 
IBB HN1    H  N N 192 
IBB HN2    H  N N 193 
IBB HN3    H  N N 194 
IBB HN6    H  N N 195 
IBB HO1    H  N N 196 
MG  MG     MG N N 197 
# 
loop_
_chem_comp_bond.comp_id 
_chem_comp_bond.atom_id_1 
_chem_comp_bond.atom_id_2 
_chem_comp_bond.value_order 
_chem_comp_bond.pdbx_aromatic_flag 
_chem_comp_bond.pdbx_stereo_config 
_chem_comp_bond.pdbx_ordinal 
DA  OP3   P      sing N N 1   
DA  OP3   HOP3   sing N N 2   
DA  P     OP1    doub N N 3   
DA  P     OP2    sing N N 4   
DA  P     "O5'"  sing N N 5   
DA  OP2   HOP2   sing N N 6   
DA  "O5'" "C5'"  sing N N 7   
DA  "C5'" "C4'"  sing N N 8   
DA  "C5'" "H5'"  sing N N 9   
DA  "C5'" "H5''" sing N N 10  
DA  "C4'" "O4'"  sing N N 11  
DA  "C4'" "C3'"  sing N N 12  
DA  "C4'" "H4'"  sing N N 13  
DA  "O4'" "C1'"  sing N N 14  
DA  "C3'" "O3'"  sing N N 15  
DA  "C3'" "C2'"  sing N N 16  
DA  "C3'" "H3'"  sing N N 17  
DA  "O3'" "HO3'" sing N N 18  
DA  "C2'" "C1'"  sing N N 19  
DA  "C2'" "H2'"  sing N N 20  
DA  "C2'" "H2''" sing N N 21  
DA  "C1'" N9     sing N N 22  
DA  "C1'" "H1'"  sing N N 23  
DA  N9    C8     sing Y N 24  
DA  N9    C4     sing Y N 25  
DA  C8    N7     doub Y N 26  
DA  C8    H8     sing N N 27  
DA  N7    C5     sing Y N 28  
DA  C5    C6     sing Y N 29  
DA  C5    C4     doub Y N 30  
DA  C6    N6     sing N N 31  
DA  C6    N1     doub Y N 32  
DA  N6    H61    sing N N 33  
DA  N6    H62    sing N N 34  
DA  N1    C2     sing Y N 35  
DA  C2    N3     doub Y N 36  
DA  C2    H2     sing N N 37  
DA  N3    C4     sing Y N 38  
DC  OP3   P      sing N N 39  
DC  OP3   HOP3   sing N N 40  
DC  P     OP1    doub N N 41  
DC  P     OP2    sing N N 42  
DC  P     "O5'"  sing N N 43  
DC  OP2   HOP2   sing N N 44  
DC  "O5'" "C5'"  sing N N 45  
DC  "C5'" "C4'"  sing N N 46  
DC  "C5'" "H5'"  sing N N 47  
DC  "C5'" "H5''" sing N N 48  
DC  "C4'" "O4'"  sing N N 49  
DC  "C4'" "C3'"  sing N N 50  
DC  "C4'" "H4'"  sing N N 51  
DC  "O4'" "C1'"  sing N N 52  
DC  "C3'" "O3'"  sing N N 53  
DC  "C3'" "C2'"  sing N N 54  
DC  "C3'" "H3'"  sing N N 55  
DC  "O3'" "HO3'" sing N N 56  
DC  "C2'" "C1'"  sing N N 57  
DC  "C2'" "H2'"  sing N N 58  
DC  "C2'" "H2''" sing N N 59  
DC  "C1'" N1     sing N N 60  
DC  "C1'" "H1'"  sing N N 61  
DC  N1    C2     sing N N 62  
DC  N1    C6     sing N N 63  
DC  C2    O2     doub N N 64  
DC  C2    N3     sing N N 65  
DC  N3    C4     doub N N 66  
DC  C4    N4     sing N N 67  
DC  C4    C5     sing N N 68  
DC  N4    H41    sing N N 69  
DC  N4    H42    sing N N 70  
DC  C5    C6     doub N N 71  
DC  C5    H5     sing N N 72  
DC  C6    H6     sing N N 73  
DG  OP3   P      sing N N 74  
DG  OP3   HOP3   sing N N 75  
DG  P     OP1    doub N N 76  
DG  P     OP2    sing N N 77  
DG  P     "O5'"  sing N N 78  
DG  OP2   HOP2   sing N N 79  
DG  "O5'" "C5'"  sing N N 80  
DG  "C5'" "C4'"  sing N N 81  
DG  "C5'" "H5'"  sing N N 82  
DG  "C5'" "H5''" sing N N 83  
DG  "C4'" "O4'"  sing N N 84  
DG  "C4'" "C3'"  sing N N 85  
DG  "C4'" "H4'"  sing N N 86  
DG  "O4'" "C1'"  sing N N 87  
DG  "C3'" "O3'"  sing N N 88  
DG  "C3'" "C2'"  sing N N 89  
DG  "C3'" "H3'"  sing N N 90  
DG  "O3'" "HO3'" sing N N 91  
DG  "C2'" "C1'"  sing N N 92  
DG  "C2'" "H2'"  sing N N 93  
DG  "C2'" "H2''" sing N N 94  
DG  "C1'" N9     sing N N 95  
DG  "C1'" "H1'"  sing N N 96  
DG  N9    C8     sing Y N 97  
DG  N9    C4     sing Y N 98  
DG  C8    N7     doub Y N 99  
DG  C8    H8     sing N N 100 
DG  N7    C5     sing Y N 101 
DG  C5    C6     sing N N 102 
DG  C5    C4     doub Y N 103 
DG  C6    O6     doub N N 104 
DG  C6    N1     sing N N 105 
DG  N1    C2     sing N N 106 
DG  N1    H1     sing N N 107 
DG  C2    N2     sing N N 108 
DG  C2    N3     doub N N 109 
DG  N2    H21    sing N N 110 
DG  N2    H22    sing N N 111 
DG  N3    C4     sing N N 112 
DT  OP3   P      sing N N 113 
DT  OP3   HOP3   sing N N 114 
DT  P     OP1    doub N N 115 
DT  P     OP2    sing N N 116 
DT  P     "O5'"  sing N N 117 
DT  OP2   HOP2   sing N N 118 
DT  "O5'" "C5'"  sing N N 119 
DT  "C5'" "C4'"  sing N N 120 
DT  "C5'" "H5'"  sing N N 121 
DT  "C5'" "H5''" sing N N 122 
DT  "C4'" "O4'"  sing N N 123 
DT  "C4'" "C3'"  sing N N 124 
DT  "C4'" "H4'"  sing N N 125 
DT  "O4'" "C1'"  sing N N 126 
DT  "C3'" "O3'"  sing N N 127 
DT  "C3'" "C2'"  sing N N 128 
DT  "C3'" "H3'"  sing N N 129 
DT  "O3'" "HO3'" sing N N 130 
DT  "C2'" "C1'"  sing N N 131 
DT  "C2'" "H2'"  sing N N 132 
DT  "C2'" "H2''" sing N N 133 
DT  "C1'" N1     sing N N 134 
DT  "C1'" "H1'"  sing N N 135 
DT  N1    C2     sing N N 136 
DT  N1    C6     sing N N 137 
DT  C2    O2     doub N N 138 
DT  C2    N3     sing N N 139 
DT  N3    C4     sing N N 140 
DT  N3    H3     sing N N 141 
DT  C4    O4     doub N N 142 
DT  C4    C5     sing N N 143 
DT  C5    C7     sing N N 144 
DT  C5    C6     doub N N 145 
DT  C7    H71    sing N N 146 
DT  C7    H72    sing N N 147 
DT  C7    H73    sing N N 148 
DT  C6    H6     sing N N 149 
HOH O     H1     sing N N 150 
HOH O     H2     sing N N 151 
IBB C1    C4     sing N N 152 
IBB C1    N1     sing N N 153 
IBB C1    N2     sing N N 154 
IBB C1    H1     sing N N 155 
IBB C2    C3     sing N N 156 
IBB C2    N1     sing N N 157 
IBB C2    H21A   sing N N 158 
IBB C2    H22    sing N N 159 
IBB C3    N2     sing N N 160 
IBB C3    H31    sing N N 161 
IBB C3    H32    sing N N 162 
IBB C4    C5     sing Y N 163 
IBB C4    C9     doub Y N 164 
IBB C5    C6     doub Y N 165 
IBB C5    H5     sing N N 166 
IBB C6    C7     sing Y N 167 
IBB C6    H6     sing N N 168 
IBB C7    C8     doub Y N 169 
IBB C7    N4     sing Y N 170 
IBB C8    C9     sing Y N 171 
IBB C8    N3     sing Y N 172 
IBB C9    H9     sing N N 173 
IBB C10   C22    sing Y N 174 
IBB C10   N3     sing Y N 175 
IBB C10   N4     doub Y N 176 
IBB C11   C12    doub Y N 177 
IBB C11   C23    sing Y N 178 
IBB C11   N6     sing Y N 179 
IBB C12   C13    sing Y N 180 
IBB C12   N5     sing Y N 181 
IBB C13   C14    doub Y N 182 
IBB C13   H13    sing N N 183 
IBB C14   C22    sing Y N 184 
IBB C14   H14    sing N N 185 
IBB C15   C16    sing Y N 186 
IBB C15   N5     doub Y N 187 
IBB C15   N6     sing Y N 188 
IBB C16   C17    sing Y N 189 
IBB C16   C21    doub Y N 190 
IBB C17   C18    doub Y N 191 
IBB C17   H17    sing N N 192 
IBB C18   C19    sing Y N 193 
IBB C18   H18    sing N N 194 
IBB C19   C20    doub Y N 195 
IBB C19   O1     sing N N 196 
IBB C20   C21    sing Y N 197 
IBB C20   H20    sing N N 198 
IBB C21   H21    sing N N 199 
IBB C22   C23    doub Y N 200 
IBB C23   H23    sing N N 201 
IBB N1    HN1    sing N N 202 
IBB N2    HN2    sing N N 203 
IBB N3    HN3    sing N N 204 
IBB N6    HN6    sing N N 205 
IBB O1    HO1    sing N N 206 
# 
loop_
_ndb_struct_conf_na.entry_id 
_ndb_struct_conf_na.feature 
109D 'double helix'         
109D 'b-form double helix'  
109D 'mismatched base pair' 
# 
loop_
_ndb_struct_na_base_pair.model_number 
_ndb_struct_na_base_pair.i_label_asym_id 
_ndb_struct_na_base_pair.i_label_comp_id 
_ndb_struct_na_base_pair.i_label_seq_id 
_ndb_struct_na_base_pair.i_symmetry 
_ndb_struct_na_base_pair.j_label_asym_id 
_ndb_struct_na_base_pair.j_label_comp_id 
_ndb_struct_na_base_pair.j_label_seq_id 
_ndb_struct_na_base_pair.j_symmetry 
_ndb_struct_na_base_pair.shear 
_ndb_struct_na_base_pair.stretch 
_ndb_struct_na_base_pair.stagger 
_ndb_struct_na_base_pair.buckle 
_ndb_struct_na_base_pair.propeller 
_ndb_struct_na_base_pair.opening 
_ndb_struct_na_base_pair.pair_number 
_ndb_struct_na_base_pair.pair_name 
_ndb_struct_na_base_pair.i_auth_asym_id 
_ndb_struct_na_base_pair.i_auth_seq_id 
_ndb_struct_na_base_pair.i_PDB_ins_code 
_ndb_struct_na_base_pair.j_auth_asym_id 
_ndb_struct_na_base_pair.j_auth_seq_id 
_ndb_struct_na_base_pair.j_PDB_ins_code 
_ndb_struct_na_base_pair.hbond_type_28 
_ndb_struct_na_base_pair.hbond_type_12 
1 A DC 1  1_555 B DG 12 1_555 0.227  -0.183 -0.224 5.955   -13.604 -0.490 1  A_DC1:DG24_B  A 1  ? B 24 ? 19 1 
1 A DG 2  1_555 B DC 11 1_555 -0.035 -0.233 0.260  -0.896  -8.828  -3.452 2  A_DG2:DC23_B  A 2  ? B 23 ? 19 1 
1 A DC 3  1_555 B DG 10 1_555 0.013  -0.140 -0.005 -0.627  -5.057  -1.400 3  A_DC3:DG22_B  A 3  ? B 22 ? 19 1 
1 A DG 4  1_555 B DC 9  1_555 -0.152 -0.038 -0.025 11.866  -4.328  -2.655 4  A_DG4:DC21_B  A 4  ? B 21 ? 19 1 
1 A DA 5  1_555 B DT 8  1_555 0.096  -0.068 -0.197 6.887   -19.745 0.156  5  A_DA5:DT20_B  A 5  ? B 20 ? 20 1 
1 A DA 6  1_555 B DT 7  1_555 0.047  -0.226 0.554  -6.398  -17.803 2.897  6  A_DA6:DT19_B  A 6  ? B 19 ? 20 1 
1 A DT 7  1_555 B DA 6  1_555 -0.656 -0.184 0.761  0.750   -7.168  18.116 7  A_DT7:DA18_B  A 7  ? B 18 ? 20 1 
1 A DT 8  1_555 B DA 5  1_555 -0.151 -0.194 -0.063 -7.253  -18.250 -2.478 8  A_DT8:DA17_B  A 8  ? B 17 ? 20 1 
1 A DC 9  1_555 B DG 4  1_555 -0.013 -0.113 -0.006 -10.992 -8.317  -1.696 9  A_DC9:DG16_B  A 9  ? B 16 ? 19 1 
1 A DG 10 1_555 B DC 3  1_555 -0.011 -0.210 0.087  4.340   -1.819  -0.710 10 A_DG10:DC15_B A 10 ? B 15 ? 19 1 
1 A DC 11 1_555 B DG 2  1_555 0.076  -0.146 0.098  5.431   -19.539 -2.624 11 A_DC11:DG14_B A 11 ? B 14 ? 19 1 
1 A DG 12 1_555 B DC 1  1_555 -0.154 -0.212 -0.283 4.047   8.262   -4.384 12 A_DG12:DC13_B A 12 ? B 13 ? 19 1 
# 
loop_
_ndb_struct_na_base_pair_step.model_number 
_ndb_struct_na_base_pair_step.i_label_asym_id_1 
_ndb_struct_na_base_pair_step.i_label_comp_id_1 
_ndb_struct_na_base_pair_step.i_label_seq_id_1 
_ndb_struct_na_base_pair_step.i_symmetry_1 
_ndb_struct_na_base_pair_step.j_label_asym_id_1 
_ndb_struct_na_base_pair_step.j_label_comp_id_1 
_ndb_struct_na_base_pair_step.j_label_seq_id_1 
_ndb_struct_na_base_pair_step.j_symmetry_1 
_ndb_struct_na_base_pair_step.i_label_asym_id_2 
_ndb_struct_na_base_pair_step.i_label_comp_id_2 
_ndb_struct_na_base_pair_step.i_label_seq_id_2 
_ndb_struct_na_base_pair_step.i_symmetry_2 
_ndb_struct_na_base_pair_step.j_label_asym_id_2 
_ndb_struct_na_base_pair_step.j_label_comp_id_2 
_ndb_struct_na_base_pair_step.j_label_seq_id_2 
_ndb_struct_na_base_pair_step.j_symmetry_2 
_ndb_struct_na_base_pair_step.shift 
_ndb_struct_na_base_pair_step.slide 
_ndb_struct_na_base_pair_step.rise 
_ndb_struct_na_base_pair_step.tilt 
_ndb_struct_na_base_pair_step.roll 
_ndb_struct_na_base_pair_step.twist 
_ndb_struct_na_base_pair_step.x_displacement 
_ndb_struct_na_base_pair_step.y_displacement 
_ndb_struct_na_base_pair_step.helical_rise 
_ndb_struct_na_base_pair_step.inclination 
_ndb_struct_na_base_pair_step.tip 
_ndb_struct_na_base_pair_step.helical_twist 
_ndb_struct_na_base_pair_step.step_number 
_ndb_struct_na_base_pair_step.step_name 
_ndb_struct_na_base_pair_step.i_auth_asym_id_1 
_ndb_struct_na_base_pair_step.i_auth_seq_id_1 
_ndb_struct_na_base_pair_step.i_PDB_ins_code_1 
_ndb_struct_na_base_pair_step.j_auth_asym_id_1 
_ndb_struct_na_base_pair_step.j_auth_seq_id_1 
_ndb_struct_na_base_pair_step.j_PDB_ins_code_1 
_ndb_struct_na_base_pair_step.i_auth_asym_id_2 
_ndb_struct_na_base_pair_step.i_auth_seq_id_2 
_ndb_struct_na_base_pair_step.i_PDB_ins_code_2 
_ndb_struct_na_base_pair_step.j_auth_asym_id_2 
_ndb_struct_na_base_pair_step.j_auth_seq_id_2 
_ndb_struct_na_base_pair_step.j_PDB_ins_code_2 
1 A DC 1  1_555 B DG 12 1_555 A DG 2  1_555 B DC 11 1_555 -0.289 0.288  3.562 -4.363 9.194   36.811 -0.845 -0.168 3.541 14.228  
6.753   38.145 1  AA_DC1DG2:DC23DG24_BB   A 1  ? B 24 ? A 2  ? B 23 ? 
1 A DG 2  1_555 B DC 11 1_555 A DC 3  1_555 B DG 10 1_555 0.633  0.487  3.438 3.367  -6.420  38.769 1.517  -0.521 3.360 -9.569  
-5.019  39.416 2  AA_DG2DC3:DG22DC23_BB   A 2  ? B 23 ? A 3  ? B 22 ? 
1 A DC 3  1_555 B DG 10 1_555 A DG 4  1_555 B DC 9  1_555 -0.189 0.650  3.158 1.357  7.390   29.638 -0.217 0.625  3.211 14.162  
-2.600  30.555 3  AA_DC3DG4:DC21DG22_BB   A 3  ? B 22 ? A 4  ? B 21 ? 
1 A DG 4  1_555 B DC 9  1_555 A DA 5  1_555 B DT 8  1_555 0.041  0.217  3.495 2.883  1.794   36.423 0.081  0.359  3.495 2.863   
-4.599  36.576 4  AA_DG4DA5:DT20DC21_BB   A 4  ? B 21 ? A 5  ? B 20 ? 
1 A DA 5  1_555 B DT 8  1_555 A DA 6  1_555 B DT 7  1_555 0.315  -0.697 3.505 -7.700 6.367   38.355 -1.811 -1.410 3.233 9.496   
11.483  39.587 5  AA_DA5DA6:DT19DT20_BB   A 5  ? B 20 ? A 6  ? B 19 ? 
1 A DA 6  1_555 B DT 7  1_555 A DT 7  1_555 B DA 6  1_555 0.833  -0.212 3.120 1.365  -10.896 26.250 2.009  -1.391 3.006 -22.765 
-2.853  28.417 6  AA_DA6DT7:DA18DT19_BB   A 6  ? B 19 ? A 7  ? B 18 ? 
1 A DT 7  1_555 B DA 6  1_555 A DT 8  1_555 B DA 5  1_555 -0.831 -0.433 3.311 8.910  10.172  39.651 -1.645 2.073  2.877 14.494  
-12.695 41.805 7  AA_DT7DT8:DA17DA18_BB   A 7  ? B 18 ? A 8  ? B 17 ? 
1 A DT 8  1_555 B DA 5  1_555 A DC 9  1_555 B DG 4  1_555 -0.016 0.373  3.494 -0.219 0.347   41.030 0.492  -0.003 3.497 0.495   
0.312   41.032 8  AA_DT8DC9:DG16DA17_BB   A 8  ? B 17 ? A 9  ? B 16 ? 
1 A DC 9  1_555 B DG 4  1_555 A DG 10 1_555 B DC 3  1_555 0.182  1.181  3.202 -2.888 3.333   29.498 1.604  -0.952 3.280 6.499   
5.632   29.819 9  AA_DC9DG10:DC15DG16_BB  A 9  ? B 16 ? A 10 ? B 15 ? 
1 A DG 10 1_555 B DC 3  1_555 A DC 11 1_555 B DG 2  1_555 -0.913 0.915  3.445 -1.243 -13.319 39.261 2.744  1.156  3.019 -19.159 
1.788   41.392 10 AA_DG10DC11:DG14DC15_BB A 10 ? B 15 ? A 11 ? B 14 ? 
1 A DC 11 1_555 B DG 2  1_555 A DG 12 1_555 B DC 1  1_555 0.879  0.906  3.637 4.677  -4.249  39.507 1.867  -0.687 3.601 -6.238  
-6.865  39.989 11 AA_DC11DG12:DC13DG14_BB A 11 ? B 14 ? A 12 ? B 13 ? 
# 
_atom_sites.entry_id                    109D 
_atom_sites.fract_transf_matrix[1][1]   -0.03601801 
_atom_sites.fract_transf_matrix[1][2]   -0.00532418 
_atom_sites.fract_transf_matrix[1][3]   -0.01811520 
_atom_sites.fract_transf_matrix[2][1]   0.01078550 
_atom_sites.fract_transf_matrix[2][2]   0.00233055 
_atom_sites.fract_transf_matrix[2][3]   -0.02212952 
_atom_sites.fract_transf_matrix[3][1]   0.00242014 
_atom_sites.fract_transf_matrix[3][2]   -0.01500783 
_atom_sites.fract_transf_matrix[3][3]   -0.00040100 
_atom_sites.fract_transf_vector[1]      0.572380 
_atom_sites.fract_transf_vector[2]      0.523520 
_atom_sites.fract_transf_vector[3]      0.129874 
# 
loop_
_atom_type.symbol 
C  
MG 
N  
O  
P  
# 
loop_
_atom_site.group_PDB 
_atom_site.id 
_atom_site.type_symbol 
_atom_site.label_atom_id 
_atom_site.label_alt_id 
_atom_site.label_comp_id 
_atom_site.label_asym_id 
_atom_site.label_entity_id 
_atom_site.label_seq_id 
_atom_site.pdbx_PDB_ins_code 
_atom_site.Cartn_x 
_atom_site.Cartn_y 
_atom_site.Cartn_z 
_atom_site.occupancy 
_atom_site.B_iso_or_equiv 
_atom_site.pdbx_formal_charge 
_atom_site.auth_seq_id 
_atom_site.auth_comp_id 
_atom_site.auth_asym_id 
_atom_site.auth_atom_id 
_atom_site.pdbx_PDB_model_num 
ATOM   1   O  "O5'" . DC  A 1 1  ? 3.379   -14.606 -15.428 1.00 44.19 ? 1   DC  A "O5'" 1 
ATOM   2   C  "C5'" . DC  A 1 1  ? 3.633   -14.983 -14.060 1.00 35.04 ? 1   DC  A "C5'" 1 
ATOM   3   C  "C4'" . DC  A 1 1  ? 2.284   -15.140 -13.409 1.00 31.93 ? 1   DC  A "C4'" 1 
ATOM   4   O  "O4'" . DC  A 1 1  ? 2.401   -15.658 -12.077 1.00 29.07 ? 1   DC  A "O4'" 1 
ATOM   5   C  "C3'" . DC  A 1 1  ? 1.655   -13.736 -13.249 1.00 31.11 ? 1   DC  A "C3'" 1 
ATOM   6   O  "O3'" . DC  A 1 1  ? 0.223   -13.896 -13.312 1.00 32.83 ? 1   DC  A "O3'" 1 
ATOM   7   C  "C2'" . DC  A 1 1  ? 2.141   -13.349 -11.858 1.00 26.97 ? 1   DC  A "C2'" 1 
ATOM   8   C  "C1'" . DC  A 1 1  ? 2.017   -14.660 -11.133 1.00 23.37 ? 1   DC  A "C1'" 1 
ATOM   9   N  N1    . DC  A 1 1  ? 2.893   -14.928 -9.974  1.00 20.63 ? 1   DC  A N1    1 
ATOM   10  C  C2    . DC  A 1 1  ? 2.337   -15.748 -8.995  1.00 16.85 ? 1   DC  A C2    1 
ATOM   11  O  O2    . DC  A 1 1  ? 1.198   -16.198 -9.108  1.00 17.63 ? 1   DC  A O2    1 
ATOM   12  N  N3    . DC  A 1 1  ? 3.083   -16.044 -7.921  1.00 15.88 ? 1   DC  A N3    1 
ATOM   13  C  C4    . DC  A 1 1  ? 4.306   -15.545 -7.809  1.00 17.57 ? 1   DC  A C4    1 
ATOM   14  N  N4    . DC  A 1 1  ? 4.997   -15.855 -6.730  1.00 13.76 ? 1   DC  A N4    1 
ATOM   15  C  C5    . DC  A 1 1  ? 4.899   -14.697 -8.808  1.00 15.24 ? 1   DC  A C5    1 
ATOM   16  C  C6    . DC  A 1 1  ? 4.146   -14.414 -9.870  1.00 15.57 ? 1   DC  A C6    1 
ATOM   17  P  P     . DG  A 1 2  ? -0.797  -12.747 -13.707 1.00 32.57 ? 2   DG  A P     1 
ATOM   18  O  OP1   . DG  A 1 2  ? -1.723  -13.277 -14.743 1.00 35.31 ? 2   DG  A OP1   1 
ATOM   19  O  OP2   . DG  A 1 2  ? -0.053  -11.481 -13.897 1.00 33.09 ? 2   DG  A OP2   1 
ATOM   20  O  "O5'" . DG  A 1 2  ? -1.631  -12.548 -12.363 1.00 31.22 ? 2   DG  A "O5'" 1 
ATOM   21  C  "C5'" . DG  A 1 2  ? -2.312  -13.714 -11.916 1.00 28.28 ? 2   DG  A "C5'" 1 
ATOM   22  C  "C4'" . DG  A 1 2  ? -3.143  -13.531 -10.667 1.00 24.77 ? 2   DG  A "C4'" 1 
ATOM   23  O  "O4'" . DG  A 1 2  ? -2.309  -13.749 -9.508  1.00 21.98 ? 2   DG  A "O4'" 1 
ATOM   24  C  "C3'" . DG  A 1 2  ? -3.596  -12.070 -10.536 1.00 22.12 ? 2   DG  A "C3'" 1 
ATOM   25  O  "O3'" . DG  A 1 2  ? -4.924  -12.064 -9.965  1.00 26.59 ? 2   DG  A "O3'" 1 
ATOM   26  C  "C2'" . DG  A 1 2  ? -2.533  -11.454 -9.657  1.00 17.28 ? 2   DG  A "C2'" 1 
ATOM   27  C  "C1'" . DG  A 1 2  ? -2.148  -12.580 -8.743  1.00 18.46 ? 2   DG  A "C1'" 1 
ATOM   28  N  N9    . DG  A 1 2  ? -0.757  -12.557 -8.270  1.00 19.46 ? 2   DG  A N9    1 
ATOM   29  C  C8    . DG  A 1 2  ? 0.370   -12.062 -8.876  1.00 18.52 ? 2   DG  A C8    1 
ATOM   30  N  N7    . DG  A 1 2  ? 1.461   -12.204 -8.175  1.00 17.06 ? 2   DG  A N7    1 
ATOM   31  C  C5    . DG  A 1 2  ? 1.055   -12.830 -7.037  1.00 17.43 ? 2   DG  A C5    1 
ATOM   32  C  C6    . DG  A 1 2  ? 1.785   -13.248 -5.891  1.00 16.03 ? 2   DG  A C6    1 
ATOM   33  O  O6    . DG  A 1 2  ? 2.987   -13.110 -5.705  1.00 14.56 ? 2   DG  A O6    1 
ATOM   34  N  N1    . DG  A 1 2  ? 0.981   -13.860 -4.924  1.00 16.28 ? 2   DG  A N1    1 
ATOM   35  C  C2    . DG  A 1 2  ? -0.372  -14.056 -5.020  1.00 12.87 ? 2   DG  A C2    1 
ATOM   36  N  N2    . DG  A 1 2  ? -1.006  -14.658 -4.014  1.00 15.00 ? 2   DG  A N2    1 
ATOM   37  N  N3    . DG  A 1 2  ? -1.067  -13.674 -6.084  1.00 17.48 ? 2   DG  A N3    1 
ATOM   38  C  C4    . DG  A 1 2  ? -0.320  -13.070 -7.064  1.00 18.86 ? 2   DG  A C4    1 
ATOM   39  P  P     . DC  A 1 3  ? -5.916  -10.811 -9.735  1.00 27.07 ? 3   DC  A P     1 
ATOM   40  O  OP1   . DC  A 1 3  ? -7.273  -11.294 -10.092 1.00 26.34 ? 3   DC  A OP1   1 
ATOM   41  O  OP2   . DC  A 1 3  ? -5.387  -9.591  -10.351 1.00 29.23 ? 3   DC  A OP2   1 
ATOM   42  O  "O5'" . DC  A 1 3  ? -5.753  -10.622 -8.169  1.00 26.50 ? 3   DC  A "O5'" 1 
ATOM   43  C  "C5'" . DC  A 1 3  ? -6.188  -11.780 -7.506  1.00 26.23 ? 3   DC  A "C5'" 1 
ATOM   44  C  "C4'" . DC  A 1 3  ? -6.012  -11.861 -6.040  1.00 23.99 ? 3   DC  A "C4'" 1 
ATOM   45  O  "O4'" . DC  A 1 3  ? -4.625  -12.002 -5.690  1.00 23.04 ? 3   DC  A "O4'" 1 
ATOM   46  C  "C3'" . DC  A 1 3  ? -6.419  -10.556 -5.455  1.00 24.89 ? 3   DC  A "C3'" 1 
ATOM   47  O  "O3'" . DC  A 1 3  ? -7.089  -10.623 -4.246  1.00 28.83 ? 3   DC  A "O3'" 1 
ATOM   48  C  "C2'" . DC  A 1 3  ? -5.140  -9.891  -5.196  1.00 25.76 ? 3   DC  A "C2'" 1 
ATOM   49  C  "C1'" . DC  A 1 3  ? -4.164  -10.974 -4.842  1.00 20.31 ? 3   DC  A "C1'" 1 
ATOM   50  N  N1    . DC  A 1 3  ? -2.797  -10.510 -5.175  1.00 18.29 ? 3   DC  A N1    1 
ATOM   51  C  C2    . DC  A 1 3  ? -1.740  -10.840 -4.361  1.00 16.14 ? 3   DC  A C2    1 
ATOM   52  O  O2    . DC  A 1 3  ? -1.877  -11.519 -3.360  1.00 14.55 ? 3   DC  A O2    1 
ATOM   53  N  N3    . DC  A 1 3  ? -0.492  -10.390 -4.669  1.00 15.79 ? 3   DC  A N3    1 
ATOM   54  C  C4    . DC  A 1 3  ? -0.288  -9.644  -5.730  1.00 18.80 ? 3   DC  A C4    1 
ATOM   55  N  N4    . DC  A 1 3  ? 0.955   -9.253  -5.952  1.00 17.51 ? 3   DC  A N4    1 
ATOM   56  C  C5    . DC  A 1 3  ? -1.360  -9.275  -6.616  1.00 19.97 ? 3   DC  A C5    1 
ATOM   57  C  C6    . DC  A 1 3  ? -2.584  -9.733  -6.290  1.00 15.87 ? 3   DC  A C6    1 
ATOM   58  P  P     . DG  A 1 4  ? -8.064  -9.394  -3.815  1.00 29.88 ? 4   DG  A P     1 
ATOM   59  O  OP1   . DG  A 1 4  ? -9.461  -9.882  -3.874  1.00 36.77 ? 4   DG  A OP1   1 
ATOM   60  O  OP2   . DG  A 1 4  ? -7.688  -8.107  -4.426  1.00 27.08 ? 4   DG  A OP2   1 
ATOM   61  O  "O5'" . DG  A 1 4  ? -7.596  -9.378  -2.276  1.00 31.38 ? 4   DG  A "O5'" 1 
ATOM   62  C  "C5'" . DG  A 1 4  ? -7.574  -10.549 -1.453  1.00 27.62 ? 4   DG  A "C5'" 1 
ATOM   63  C  "C4'" . DG  A 1 4  ? -6.702  -10.369 -0.261  1.00 27.66 ? 4   DG  A "C4'" 1 
ATOM   64  O  "O4'" . DG  A 1 4  ? -5.348  -10.104 -0.650  1.00 26.44 ? 4   DG  A "O4'" 1 
ATOM   65  C  "C3'" . DG  A 1 4  ? -7.114  -9.072  0.420   1.00 28.77 ? 4   DG  A "C3'" 1 
ATOM   66  O  "O3'" . DG  A 1 4  ? -6.809  -9.165  1.783   1.00 34.05 ? 4   DG  A "O3'" 1 
ATOM   67  C  "C2'" . DG  A 1 4  ? -6.213  -8.016  -0.195  1.00 26.90 ? 4   DG  A "C2'" 1 
ATOM   68  C  "C1'" . DG  A 1 4  ? -4.928  -8.776  -0.272  1.00 24.76 ? 4   DG  A "C1'" 1 
ATOM   69  N  N9    . DG  A 1 4  ? -4.006  -8.269  -1.287  1.00 20.76 ? 4   DG  A N9    1 
ATOM   70  C  C8    . DG  A 1 4  ? -4.299  -7.653  -2.473  1.00 17.68 ? 4   DG  A C8    1 
ATOM   71  N  N7    . DG  A 1 4  ? -3.257  -7.325  -3.166  1.00 16.87 ? 4   DG  A N7    1 
ATOM   72  C  C5    . DG  A 1 4  ? -2.209  -7.733  -2.426  1.00 16.90 ? 4   DG  A C5    1 
ATOM   73  C  C6    . DG  A 1 4  ? -0.798  -7.632  -2.697  1.00 19.92 ? 4   DG  A C6    1 
ATOM   74  O  O6    . DG  A 1 4  ? -0.236  -7.139  -3.704  1.00 21.01 ? 4   DG  A O6    1 
ATOM   75  N  N1    . DG  A 1 4  ? -0.035  -8.192  -1.655  1.00 17.87 ? 4   DG  A N1    1 
ATOM   76  C  C2    . DG  A 1 4  ? -0.556  -8.759  -0.514  1.00 20.70 ? 4   DG  A C2    1 
ATOM   77  N  N2    . DG  A 1 4  ? 0.349   -9.221  0.342   1.00 19.84 ? 4   DG  A N2    1 
ATOM   78  N  N3    . DG  A 1 4  ? -1.892  -8.856  -0.242  1.00 20.32 ? 4   DG  A N3    1 
ATOM   79  C  C4    . DG  A 1 4  ? -2.652  -8.324  -1.235  1.00 17.53 ? 4   DG  A C4    1 
ATOM   80  P  P     . DA  A 1 5  ? -7.425  -8.151  2.878   1.00 35.93 ? 5   DA  A P     1 
ATOM   81  O  OP1   . DA  A 1 5  ? -8.485  -8.969  3.516   1.00 38.19 ? 5   DA  A OP1   1 
ATOM   82  O  OP2   . DA  A 1 5  ? -7.711  -6.804  2.316   1.00 32.42 ? 5   DA  A OP2   1 
ATOM   83  O  "O5'" . DA  A 1 5  ? -6.199  -7.949  3.866   1.00 29.61 ? 5   DA  A "O5'" 1 
ATOM   84  C  "C5'" . DA  A 1 5  ? -5.379  -9.064  4.148   1.00 26.00 ? 5   DA  A "C5'" 1 
ATOM   85  C  "C4'" . DA  A 1 5  ? -3.947  -8.731  4.567   1.00 24.73 ? 5   DA  A "C4'" 1 
ATOM   86  O  "O4'" . DA  A 1 5  ? -3.160  -8.248  3.432   1.00 23.06 ? 5   DA  A "O4'" 1 
ATOM   87  C  "C3'" . DA  A 1 5  ? -3.983  -7.533  5.583   1.00 21.50 ? 5   DA  A "C3'" 1 
ATOM   88  O  "O3'" . DA  A 1 5  ? -2.964  -7.869  6.524   1.00 23.56 ? 5   DA  A "O3'" 1 
ATOM   89  C  "C2'" . DA  A 1 5  ? -3.755  -6.298  4.708   1.00 20.06 ? 5   DA  A "C2'" 1 
ATOM   90  C  "C1'" . DA  A 1 5  ? -2.791  -6.880  3.643   1.00 19.44 ? 5   DA  A "C1'" 1 
ATOM   91  N  N9    . DA  A 1 5  ? -2.805  -6.178  2.326   1.00 18.30 ? 5   DA  A N9    1 
ATOM   92  C  C8    . DA  A 1 5  ? -3.856  -5.648  1.600   1.00 18.01 ? 5   DA  A C8    1 
ATOM   93  N  N7    . DA  A 1 5  ? -3.493  -5.087  0.475   1.00 14.02 ? 5   DA  A N7    1 
ATOM   94  C  C5    . DA  A 1 5  ? -2.134  -5.242  0.428   1.00 14.30 ? 5   DA  A C5    1 
ATOM   95  C  C6    . DA  A 1 5  ? -1.146  -4.854  -0.504  1.00 11.94 ? 5   DA  A C6    1 
ATOM   96  N  N6    . DA  A 1 5  ? -1.413  -4.218  -1.620  1.00 17.54 ? 5   DA  A N6    1 
ATOM   97  N  N1    . DA  A 1 5  ? 0.128   -5.141  -0.258  1.00 13.07 ? 5   DA  A N1    1 
ATOM   98  C  C2    . DA  A 1 5  ? 0.405   -5.792  0.889   1.00 16.19 ? 5   DA  A C2    1 
ATOM   99  N  N3    . DA  A 1 5  ? -0.401  -6.226  1.856   1.00 15.40 ? 5   DA  A N3    1 
ATOM   100 C  C4    . DA  A 1 5  ? -1.677  -5.909  1.564   1.00 13.62 ? 5   DA  A C4    1 
ATOM   101 P  P     . DA  A 1 6  ? -2.524  -6.932  7.744   1.00 24.56 ? 6   DA  A P     1 
ATOM   102 O  OP1   . DA  A 1 6  ? -1.890  -7.779  8.770   1.00 21.13 ? 6   DA  A OP1   1 
ATOM   103 O  OP2   . DA  A 1 6  ? -3.624  -5.983  8.043   1.00 24.45 ? 6   DA  A OP2   1 
ATOM   104 O  "O5'" . DA  A 1 6  ? -1.345  -6.033  7.079   1.00 23.65 ? 6   DA  A "O5'" 1 
ATOM   105 C  "C5'" . DA  A 1 6  ? -0.125  -6.657  6.738   1.00 18.78 ? 6   DA  A "C5'" 1 
ATOM   106 C  "C4'" . DA  A 1 6  ? 1.056   -5.761  6.426   1.00 19.04 ? 6   DA  A "C4'" 1 
ATOM   107 O  "O4'" . DA  A 1 6  ? 0.843   -5.187  5.118   1.00 17.89 ? 6   DA  A "O4'" 1 
ATOM   108 C  "C3'" . DA  A 1 6  ? 1.086   -4.505  7.295   1.00 18.54 ? 6   DA  A "C3'" 1 
ATOM   109 O  "O3'" . DA  A 1 6  ? 2.423   -4.252  7.701   1.00 18.50 ? 6   DA  A "O3'" 1 
ATOM   110 C  "C2'" . DA  A 1 6  ? 0.481   -3.408  6.417   1.00 18.94 ? 6   DA  A "C2'" 1 
ATOM   111 C  "C1'" . DA  A 1 6  ? 0.873   -3.763  5.024   1.00 15.67 ? 6   DA  A "C1'" 1 
ATOM   112 N  N9    . DA  A 1 6  ? -0.053  -3.263  3.944   1.00 15.83 ? 6   DA  A N9    1 
ATOM   113 C  C8    . DA  A 1 6  ? -1.429  -3.348  3.899   1.00 14.02 ? 6   DA  A C8    1 
ATOM   114 N  N7    . DA  A 1 6  ? -1.934  -2.787  2.800   1.00 16.68 ? 6   DA  A N7    1 
ATOM   115 C  C5    . DA  A 1 6  ? -0.879  -2.304  2.063   1.00 15.87 ? 6   DA  A C5    1 
ATOM   116 C  C6    . DA  A 1 6  ? -0.781  -1.554  0.838   1.00 15.62 ? 6   DA  A C6    1 
ATOM   117 N  N6    . DA  A 1 6  ? -1.902  -1.328  0.173   1.00 16.77 ? 6   DA  A N6    1 
ATOM   118 N  N1    . DA  A 1 6  ? 0.429   -1.066  0.293   1.00 21.07 ? 6   DA  A N1    1 
ATOM   119 C  C2    . DA  A 1 6  ? 1.408   -1.506  1.130   1.00 19.06 ? 6   DA  A C2    1 
ATOM   120 N  N3    . DA  A 1 6  ? 1.476   -2.221  2.289   1.00 18.45 ? 6   DA  A N3    1 
ATOM   121 C  C4    . DA  A 1 6  ? 0.288   -2.587  2.748   1.00 12.41 ? 6   DA  A C4    1 
ATOM   122 P  P     . DT  A 1 7  ? 2.985   -3.170  8.768   1.00 22.29 ? 7   DT  A P     1 
ATOM   123 O  OP1   . DT  A 1 7  ? 4.197   -3.774  9.352   1.00 20.18 ? 7   DT  A OP1   1 
ATOM   124 O  OP2   . DT  A 1 7  ? 1.848   -2.655  9.599   1.00 17.78 ? 7   DT  A OP2   1 
ATOM   125 O  "O5'" . DT  A 1 7  ? 3.394   -1.910  7.885   1.00 21.91 ? 7   DT  A "O5'" 1 
ATOM   126 C  "C5'" . DT  A 1 7  ? 4.422   -2.215  7.010   1.00 20.41 ? 7   DT  A "C5'" 1 
ATOM   127 C  "C4'" . DT  A 1 7  ? 4.674   -1.290  5.833   1.00 19.24 ? 7   DT  A "C4'" 1 
ATOM   128 O  "O4'" . DT  A 1 7  ? 3.528   -1.123  4.949   1.00 18.33 ? 7   DT  A "O4'" 1 
ATOM   129 C  "C3'" . DT  A 1 7  ? 4.776   0.106   6.447   1.00 20.11 ? 7   DT  A "C3'" 1 
ATOM   130 O  "O3'" . DT  A 1 7  ? 6.000   0.651   6.017   1.00 21.94 ? 7   DT  A "O3'" 1 
ATOM   131 C  "C2'" . DT  A 1 7  ? 3.519   0.848   6.073   1.00 19.43 ? 7   DT  A "C2'" 1 
ATOM   132 C  "C1'" . DT  A 1 7  ? 3.172   0.244   4.751   1.00 16.97 ? 7   DT  A "C1'" 1 
ATOM   133 N  N1    . DT  A 1 7  ? 1.720   0.443   4.378   1.00 17.83 ? 7   DT  A N1    1 
ATOM   134 C  C2    . DT  A 1 7  ? 1.415   0.988   3.132   1.00 20.81 ? 7   DT  A C2    1 
ATOM   135 O  O2    . DT  A 1 7  ? 2.221   1.302   2.252   1.00 21.88 ? 7   DT  A O2    1 
ATOM   136 N  N3    . DT  A 1 7  ? 0.072   1.186   2.819   1.00 17.85 ? 7   DT  A N3    1 
ATOM   137 C  C4    . DT  A 1 7  ? -1.034  0.910   3.606   1.00 19.42 ? 7   DT  A C4    1 
ATOM   138 O  O4    . DT  A 1 7  ? -2.212  1.127   3.214   1.00 19.56 ? 7   DT  A O4    1 
ATOM   139 C  C5    . DT  A 1 7  ? -0.597  0.342   4.876   1.00 15.90 ? 7   DT  A C5    1 
ATOM   140 C  C7    . DT  A 1 7  ? -1.640  -0.056  5.908   1.00 20.03 ? 7   DT  A C7    1 
ATOM   141 C  C6    . DT  A 1 7  ? 0.695   0.139   5.209   1.00 15.91 ? 7   DT  A C6    1 
ATOM   142 P  P     . DT  A 1 8  ? 6.751   1.822   6.748   1.00 22.88 ? 8   DT  A P     1 
ATOM   143 O  OP1   . DT  A 1 8  ? 8.191   1.542   6.700   1.00 24.02 ? 8   DT  A OP1   1 
ATOM   144 O  OP2   . DT  A 1 8  ? 6.109   2.237   7.999   1.00 26.41 ? 8   DT  A OP2   1 
ATOM   145 O  "O5'" . DT  A 1 8  ? 6.383   2.974   5.724   1.00 29.02 ? 8   DT  A "O5'" 1 
ATOM   146 C  "C5'" . DT  A 1 8  ? 6.883   2.847   4.378   1.00 24.50 ? 8   DT  A "C5'" 1 
ATOM   147 C  "C4'" . DT  A 1 8  ? 6.431   3.779   3.272   1.00 18.74 ? 8   DT  A "C4'" 1 
ATOM   148 O  "O4'" . DT  A 1 8  ? 5.005   3.758   3.079   1.00 16.75 ? 8   DT  A "O4'" 1 
ATOM   149 C  "C3'" . DT  A 1 8  ? 6.654   5.178   3.759   1.00 20.94 ? 8   DT  A "C3'" 1 
ATOM   150 O  "O3'" . DT  A 1 8  ? 7.340   5.901   2.752   1.00 30.79 ? 8   DT  A "O3'" 1 
ATOM   151 C  "C2'" . DT  A 1 8  ? 5.300   5.727   4.114   1.00 20.45 ? 8   DT  A "C2'" 1 
ATOM   152 C  "C1'" . DT  A 1 8  ? 4.445   5.052   3.141   1.00 17.36 ? 8   DT  A "C1'" 1 
ATOM   153 N  N1    . DT  A 1 8  ? 3.005   4.826   3.436   1.00 20.86 ? 8   DT  A N1    1 
ATOM   154 C  C2    . DT  A 1 8  ? 2.104   5.042   2.414   1.00 20.90 ? 8   DT  A C2    1 
ATOM   155 O  O2    . DT  A 1 8  ? 2.426   5.419   1.308   1.00 25.44 ? 8   DT  A O2    1 
ATOM   156 N  N3    . DT  A 1 8  ? 0.758   4.837   2.668   1.00 21.73 ? 8   DT  A N3    1 
ATOM   157 C  C4    . DT  A 1 8  ? 0.204   4.422   3.883   1.00 20.68 ? 8   DT  A C4    1 
ATOM   158 O  O4    . DT  A 1 8  ? -1.004  4.243   4.052   1.00 20.81 ? 8   DT  A O4    1 
ATOM   159 C  C5    . DT  A 1 8  ? 1.192   4.217   4.887   1.00 18.90 ? 8   DT  A C5    1 
ATOM   160 C  C7    . DT  A 1 8  ? 0.691   3.759   6.206   1.00 18.45 ? 8   DT  A C7    1 
ATOM   161 C  C6    . DT  A 1 8  ? 2.528   4.410   4.662   1.00 22.02 ? 8   DT  A C6    1 
ATOM   162 P  P     . DC  A 1 9  ? 7.922   7.386   2.972   1.00 29.30 ? 9   DC  A P     1 
ATOM   163 O  OP1   . DC  A 1 9  ? 9.316   7.348   2.447   1.00 33.54 ? 9   DC  A OP1   1 
ATOM   164 O  OP2   . DC  A 1 9  ? 7.678   7.869   4.352   1.00 32.72 ? 9   DC  A OP2   1 
ATOM   165 O  "O5'" . DC  A 1 9  ? 6.941   8.265   2.027   1.00 28.59 ? 9   DC  A "O5'" 1 
ATOM   166 C  "C5'" . DC  A 1 9  ? 6.818   7.928   0.676   1.00 25.56 ? 9   DC  A "C5'" 1 
ATOM   167 C  "C4'" . DC  A 1 9  ? 5.828   8.706   -0.114  1.00 30.43 ? 9   DC  A "C4'" 1 
ATOM   168 O  "O4'" . DC  A 1 9  ? 4.415   8.498   0.264   1.00 31.91 ? 9   DC  A "O4'" 1 
ATOM   169 C  "C3'" . DC  A 1 9  ? 6.043   10.139  0.249   1.00 31.71 ? 9   DC  A "C3'" 1 
ATOM   170 O  "O3'" . DC  A 1 9  ? 5.961   10.863  -0.953  1.00 37.55 ? 9   DC  A "O3'" 1 
ATOM   171 C  "C2'" . DC  A 1 9  ? 4.968   10.512  1.249   1.00 30.60 ? 9   DC  A "C2'" 1 
ATOM   172 C  "C1'" . DC  A 1 9  ? 3.776   9.698   0.782   1.00 28.62 ? 9   DC  A "C1'" 1 
ATOM   173 N  N1    . DC  A 1 9  ? 2.841   9.231   1.847   1.00 27.98 ? 9   DC  A N1    1 
ATOM   174 C  C2    . DC  A 1 9  ? 1.490   9.112   1.560   1.00 28.20 ? 9   DC  A C2    1 
ATOM   175 O  O2    . DC  A 1 9  ? 1.037   9.383   0.450   1.00 30.61 ? 9   DC  A O2    1 
ATOM   176 N  N3    . DC  A 1 9  ? 0.623   8.673   2.537   1.00 24.00 ? 9   DC  A N3    1 
ATOM   177 C  C4    . DC  A 1 9  ? 1.102   8.369   3.749   1.00 22.03 ? 9   DC  A C4    1 
ATOM   178 N  N4    . DC  A 1 9  ? 0.236   7.956   4.649   1.00 23.80 ? 9   DC  A N4    1 
ATOM   179 C  C5    . DC  A 1 9  ? 2.487   8.478   4.089   1.00 23.03 ? 9   DC  A C5    1 
ATOM   180 C  C6    . DC  A 1 9  ? 3.309   8.911   3.111   1.00 28.11 ? 9   DC  A C6    1 
ATOM   181 P  P     . DG  A 1 10 ? 6.746   12.241  -1.051  1.00 39.33 ? 10  DG  A P     1 
ATOM   182 O  OP1   . DG  A 1 10 ? 7.439   12.154  -2.355  1.00 42.90 ? 10  DG  A OP1   1 
ATOM   183 O  OP2   . DG  A 1 10 ? 7.503   12.497  0.193   1.00 37.07 ? 10  DG  A OP2   1 
ATOM   184 O  "O5'" . DG  A 1 10 ? 5.540   13.279  -1.122  1.00 37.97 ? 10  DG  A "O5'" 1 
ATOM   185 C  "C5'" . DG  A 1 10 ? 4.601   12.992  -2.165  1.00 33.75 ? 10  DG  A "C5'" 1 
ATOM   186 C  "C4'" . DG  A 1 10 ? 3.202   13.592  -2.096  1.00 34.91 ? 10  DG  A "C4'" 1 
ATOM   187 O  "O4'" . DG  A 1 10 ? 2.385   13.068  -1.017  1.00 34.17 ? 10  DG  A "O4'" 1 
ATOM   188 C  "C3'" . DG  A 1 10 ? 3.353   15.075  -1.776  1.00 34.96 ? 10  DG  A "C3'" 1 
ATOM   189 O  "O3'" . DG  A 1 10 ? 2.243   15.714  -2.381  1.00 38.36 ? 10  DG  A "O3'" 1 
ATOM   190 C  "C2'" . DG  A 1 10 ? 3.216   15.095  -0.254  1.00 34.36 ? 10  DG  A "C2'" 1 
ATOM   191 C  "C1'" . DG  A 1 10 ? 2.093   14.100  -0.088  1.00 31.61 ? 10  DG  A "C1'" 1 
ATOM   192 N  N9    . DG  A 1 10 ? 1.991   13.482  1.231   1.00 31.10 ? 10  DG  A N9    1 
ATOM   193 C  C8    . DG  A 1 10 ? 2.945   13.284  2.194   1.00 32.15 ? 10  DG  A C8    1 
ATOM   194 N  N7    . DG  A 1 10 ? 2.494   12.686  3.268   1.00 31.74 ? 10  DG  A N7    1 
ATOM   195 C  C5    . DG  A 1 10 ? 1.184   12.478  3.012   1.00 26.79 ? 10  DG  A C5    1 
ATOM   196 C  C6    . DG  A 1 10 ? 0.201   11.876  3.809   1.00 23.64 ? 10  DG  A C6    1 
ATOM   197 O  O6    . DG  A 1 10 ? 0.349   11.399  4.934   1.00 27.00 ? 10  DG  A O6    1 
ATOM   198 N  N1    . DG  A 1 10 ? -1.010  11.870  3.156   1.00 21.39 ? 10  DG  A N1    1 
ATOM   199 C  C2    . DG  A 1 10 ? -1.239  12.379  1.909   1.00 20.95 ? 10  DG  A C2    1 
ATOM   200 N  N2    . DG  A 1 10 ? -2.436  12.310  1.421   1.00 17.61 ? 10  DG  A N2    1 
ATOM   201 N  N3    . DG  A 1 10 ? -0.332  12.947  1.140   1.00 23.62 ? 10  DG  A N3    1 
ATOM   202 C  C4    . DG  A 1 10 ? 0.851   12.965  1.748   1.00 27.42 ? 10  DG  A C4    1 
ATOM   203 P  P     . DC  A 1 11 ? 2.342   16.918  -3.406  1.00 37.14 ? 11  DC  A P     1 
ATOM   204 O  OP1   . DC  A 1 11 ? 3.149   16.523  -4.586  1.00 41.82 ? 11  DC  A OP1   1 
ATOM   205 O  OP2   . DC  A 1 11 ? 2.662   18.139  -2.630  1.00 38.86 ? 11  DC  A OP2   1 
ATOM   206 O  "O5'" . DC  A 1 11 ? 0.841   16.974  -3.897  1.00 35.82 ? 11  DC  A "O5'" 1 
ATOM   207 C  "C5'" . DC  A 1 11 ? 0.309   15.752  -4.390  1.00 32.24 ? 11  DC  A "C5'" 1 
ATOM   208 C  "C4'" . DC  A 1 11 ? -1.115  15.432  -3.917  1.00 33.38 ? 11  DC  A "C4'" 1 
ATOM   209 O  "O4'" . DC  A 1 11 ? -1.209  15.255  -2.479  1.00 32.24 ? 11  DC  A "O4'" 1 
ATOM   210 C  "C3'" . DC  A 1 11 ? -1.962  16.673  -4.143  1.00 34.12 ? 11  DC  A "C3'" 1 
ATOM   211 O  "O3'" . DC  A 1 11 ? -3.249  16.208  -4.470  1.00 40.88 ? 11  DC  A "O3'" 1 
ATOM   212 C  "C2'" . DC  A 1 11 ? -1.940  17.460  -2.835  1.00 33.00 ? 11  DC  A "C2'" 1 
ATOM   213 C  "C1'" . DC  A 1 11 ? -1.993  16.293  -1.887  1.00 28.70 ? 11  DC  A "C1'" 1 
ATOM   214 N  N1    . DC  A 1 11 ? -1.378  16.393  -0.575  1.00 25.35 ? 11  DC  A N1    1 
ATOM   215 C  C2    . DC  A 1 11 ? -2.057  15.778  0.471   1.00 23.30 ? 11  DC  A C2    1 
ATOM   216 O  O2    . DC  A 1 11 ? -3.130  15.213  0.276   1.00 27.43 ? 11  DC  A O2    1 
ATOM   217 N  N3    . DC  A 1 11 ? -1.528  15.815  1.716   1.00 18.89 ? 11  DC  A N3    1 
ATOM   218 C  C4    . DC  A 1 11 ? -0.374  16.436  1.931   1.00 22.72 ? 11  DC  A C4    1 
ATOM   219 N  N4    . DC  A 1 11 ? 0.124   16.452  3.162   1.00 22.45 ? 11  DC  A N4    1 
ATOM   220 C  C5    . DC  A 1 11 ? 0.338   17.077  0.854   1.00 24.00 ? 11  DC  A C5    1 
ATOM   221 C  C6    . DC  A 1 11 ? -0.208  17.024  -0.375  1.00 21.69 ? 11  DC  A C6    1 
ATOM   222 P  P     . DG  A 1 12 ? -4.198  17.273  -5.211  1.00 47.08 ? 12  DG  A P     1 
ATOM   223 O  OP1   . DG  A 1 12 ? -4.891  16.597  -6.339  1.00 47.34 ? 12  DG  A OP1   1 
ATOM   224 O  OP2   . DG  A 1 12 ? -3.529  18.606  -5.353  1.00 46.41 ? 12  DG  A OP2   1 
ATOM   225 O  "O5'" . DG  A 1 12 ? -5.242  17.565  -4.070  1.00 48.70 ? 12  DG  A "O5'" 1 
ATOM   226 C  "C5'" . DG  A 1 12 ? -6.137  16.644  -3.424  1.00 42.31 ? 12  DG  A "C5'" 1 
ATOM   227 C  "C4'" . DG  A 1 12 ? -6.961  17.338  -2.322  1.00 39.08 ? 12  DG  A "C4'" 1 
ATOM   228 O  "O4'" . DG  A 1 12 ? -6.220  17.589  -1.078  1.00 35.14 ? 12  DG  A "O4'" 1 
ATOM   229 C  "C3'" . DG  A 1 12 ? -7.220  18.792  -2.831  1.00 38.17 ? 12  DG  A "C3'" 1 
ATOM   230 O  "O3'" . DG  A 1 12 ? -8.468  19.358  -2.445  1.00 39.91 ? 12  DG  A "O3'" 1 
ATOM   231 C  "C2'" . DG  A 1 12 ? -6.125  19.575  -2.174  1.00 34.83 ? 12  DG  A "C2'" 1 
ATOM   232 C  "C1'" . DG  A 1 12 ? -6.096  18.972  -0.796  1.00 32.26 ? 12  DG  A "C1'" 1 
ATOM   233 N  N9    . DG  A 1 12 ? -4.874  19.205  -0.067  1.00 27.73 ? 12  DG  A N9    1 
ATOM   234 C  C8    . DG  A 1 12 ? -3.761  19.798  -0.567  1.00 28.97 ? 12  DG  A C8    1 
ATOM   235 N  N7    . DG  A 1 12 ? -2.767  19.887  0.250   1.00 29.36 ? 12  DG  A N7    1 
ATOM   236 C  C5    . DG  A 1 12 ? -3.215  19.318  1.392   1.00 27.89 ? 12  DG  A C5    1 
ATOM   237 C  C6    . DG  A 1 12 ? -2.537  19.137  2.623   1.00 24.40 ? 12  DG  A C6    1 
ATOM   238 O  O6    . DG  A 1 12 ? -1.393  19.476  2.907   1.00 24.74 ? 12  DG  A O6    1 
ATOM   239 N  N1    . DG  A 1 12 ? -3.344  18.511  3.555   1.00 21.72 ? 12  DG  A N1    1 
ATOM   240 C  C2    . DG  A 1 12 ? -4.638  18.098  3.357   1.00 22.45 ? 12  DG  A C2    1 
ATOM   241 N  N2    . DG  A 1 12 ? -5.210  17.518  4.406   1.00 21.10 ? 12  DG  A N2    1 
ATOM   242 N  N3    . DG  A 1 12 ? -5.312  18.258  2.201   1.00 24.24 ? 12  DG  A N3    1 
ATOM   243 C  C4    . DG  A 1 12 ? -4.546  18.872  1.245   1.00 28.22 ? 12  DG  A C4    1 
ATOM   244 O  "O5'" . DC  B 1 1  ? -2.147  17.614  13.756  1.00 46.75 ? 13  DC  B "O5'" 1 
ATOM   245 C  "C5'" . DC  B 1 1  ? -2.530  18.173  12.479  1.00 39.06 ? 13  DC  B "C5'" 1 
ATOM   246 C  "C4'" . DC  B 1 1  ? -3.566  17.344  11.691  1.00 31.79 ? 13  DC  B "C4'" 1 
ATOM   247 O  "O4'" . DC  B 1 1  ? -3.674  17.859  10.372  1.00 28.48 ? 13  DC  B "O4'" 1 
ATOM   248 C  "C3'" . DC  B 1 1  ? -3.097  15.923  11.512  1.00 30.47 ? 13  DC  B "C3'" 1 
ATOM   249 O  "O3'" . DC  B 1 1  ? -4.134  15.020  11.107  1.00 35.41 ? 13  DC  B "O3'" 1 
ATOM   250 C  "C2'" . DC  B 1 1  ? -2.248  16.064  10.305  1.00 28.09 ? 13  DC  B "C2'" 1 
ATOM   251 C  "C1'" . DC  B 1 1  ? -3.103  16.935  9.467   1.00 27.22 ? 13  DC  B "C1'" 1 
ATOM   252 N  N1    . DC  B 1 1  ? -2.372  17.669  8.441   1.00 27.05 ? 13  DC  B N1    1 
ATOM   253 C  C2    . DC  B 1 1  ? -2.939  17.747  7.183   1.00 24.40 ? 13  DC  B C2    1 
ATOM   254 O  O2    . DC  B 1 1  ? -4.013  17.206  6.934   1.00 23.00 ? 13  DC  B O2    1 
ATOM   255 N  N3    . DC  B 1 1  ? -2.259  18.438  6.229   1.00 27.58 ? 13  DC  B N3    1 
ATOM   256 C  C4    . DC  B 1 1  ? -1.071  19.031  6.497   1.00 29.75 ? 13  DC  B C4    1 
ATOM   257 N  N4    . DC  B 1 1  ? -0.423  19.706  5.552   1.00 27.33 ? 13  DC  B N4    1 
ATOM   258 C  C5    . DC  B 1 1  ? -0.483  18.949  7.794   1.00 30.67 ? 13  DC  B C5    1 
ATOM   259 C  C6    . DC  B 1 1  ? -1.173  18.258  8.727   1.00 29.67 ? 13  DC  B C6    1 
ATOM   260 P  P     . DG  B 1 2  ? -5.027  14.041  12.058  1.00 39.48 ? 14  DG  B P     1 
ATOM   261 O  OP1   . DG  B 1 2  ? -5.555  14.965  13.116  1.00 39.46 ? 14  DG  B OP1   1 
ATOM   262 O  OP2   . DG  B 1 2  ? -4.247  12.810  12.349  1.00 33.71 ? 14  DG  B OP2   1 
ATOM   263 O  "O5'" . DG  B 1 2  ? -6.233  13.497  11.194  1.00 32.05 ? 14  DG  B "O5'" 1 
ATOM   264 C  "C5'" . DG  B 1 2  ? -7.063  14.449  10.566  1.00 30.07 ? 14  DG  B "C5'" 1 
ATOM   265 C  "C4'" . DG  B 1 2  ? -7.751  13.932  9.314   1.00 28.48 ? 14  DG  B "C4'" 1 
ATOM   266 O  "O4'" . DG  B 1 2  ? -6.982  14.288  8.147   1.00 28.68 ? 14  DG  B "O4'" 1 
ATOM   267 C  "C3'" . DG  B 1 2  ? -7.750  12.430  9.299   1.00 26.65 ? 14  DG  B "C3'" 1 
ATOM   268 O  "O3'" . DG  B 1 2  ? -8.977  11.955  8.756   1.00 26.51 ? 14  DG  B "O3'" 1 
ATOM   269 C  "C2'" . DG  B 1 2  ? -6.511  12.067  8.476   1.00 27.78 ? 14  DG  B "C2'" 1 
ATOM   270 C  "C1'" . DG  B 1 2  ? -6.390  13.182  7.470   1.00 26.52 ? 14  DG  B "C1'" 1 
ATOM   271 N  N9    . DG  B 1 2  ? -4.987  13.506  7.188   1.00 26.11 ? 14  DG  B N9    1 
ATOM   272 C  C8    . DG  B 1 2  ? -3.930  13.455  8.043   1.00 25.02 ? 14  DG  B C8    1 
ATOM   273 N  N7    . DG  B 1 2  ? -2.801  13.799  7.501   1.00 25.15 ? 14  DG  B N7    1 
ATOM   274 C  C5    . DG  B 1 2  ? -3.098  14.098  6.213   1.00 24.11 ? 14  DG  B C5    1 
ATOM   275 C  C6    . DG  B 1 2  ? -2.261  14.537  5.131   1.00 21.48 ? 14  DG  B C6    1 
ATOM   276 O  O6    . DG  B 1 2  ? -1.050  14.730  5.151   1.00 21.38 ? 14  DG  B O6    1 
ATOM   277 N  N1    . DG  B 1 2  ? -2.969  14.737  3.957   1.00 16.81 ? 14  DG  B N1    1 
ATOM   278 C  C2    . DG  B 1 2  ? -4.313  14.547  3.813   1.00 20.17 ? 14  DG  B C2    1 
ATOM   279 N  N2    . DG  B 1 2  ? -4.839  14.773  2.618   1.00 20.06 ? 14  DG  B N2    1 
ATOM   280 N  N3    . DG  B 1 2  ? -5.110  14.141  4.798   1.00 23.37 ? 14  DG  B N3    1 
ATOM   281 C  C4    . DG  B 1 2  ? -4.458  13.932  5.979   1.00 24.58 ? 14  DG  B C4    1 
ATOM   282 P  P     . DC  B 1 3  ? -9.161  10.396  8.594   1.00 27.69 ? 15  DC  B P     1 
ATOM   283 O  OP1   . DC  B 1 3  ? -10.567 10.009  8.821   1.00 33.20 ? 15  DC  B OP1   1 
ATOM   284 O  OP2   . DC  B 1 3  ? -8.050  9.741   9.303   1.00 30.52 ? 15  DC  B OP2   1 
ATOM   285 O  "O5'" . DC  B 1 3  ? -8.885  10.176  7.083   1.00 28.79 ? 15  DC  B "O5'" 1 
ATOM   286 C  "C5'" . DC  B 1 3  ? -9.704  10.918  6.231   1.00 24.27 ? 15  DC  B "C5'" 1 
ATOM   287 C  "C4'" . DC  B 1 3  ? -9.220  10.976  4.813   1.00 26.62 ? 15  DC  B "C4'" 1 
ATOM   288 O  "O4'" . DC  B 1 3  ? -7.791  11.404  4.715   1.00 25.41 ? 15  DC  B "O4'" 1 
ATOM   289 C  "C3'" . DC  B 1 3  ? -9.132  9.532   4.351   1.00 26.41 ? 15  DC  B "C3'" 1 
ATOM   290 O  "O3'" . DC  B 1 3  ? -9.707  9.204   3.124   1.00 30.27 ? 15  DC  B "O3'" 1 
ATOM   291 C  "C2'" . DC  B 1 3  ? -7.687  9.186   4.302   1.00 25.28 ? 15  DC  B "C2'" 1 
ATOM   292 C  "C1'" . DC  B 1 3  ? -6.954  10.446  4.026   1.00 21.93 ? 15  DC  B "C1'" 1 
ATOM   293 N  N1    . DC  B 1 3  ? -5.601  10.400  4.627   1.00 20.07 ? 15  DC  B N1    1 
ATOM   294 C  C2    . DC  B 1 3  ? -4.529  10.866  3.928   1.00 18.26 ? 15  DC  B C2    1 
ATOM   295 O  O2    . DC  B 1 3  ? -4.666  11.314  2.795   1.00 18.59 ? 15  DC  B O2    1 
ATOM   296 N  N3    . DC  B 1 3  ? -3.298  10.796  4.524   1.00 17.42 ? 15  DC  B N3    1 
ATOM   297 C  C4    . DC  B 1 3  ? -3.086  10.298  5.744   1.00 18.97 ? 15  DC  B C4    1 
ATOM   298 N  N4    . DC  B 1 3  ? -1.864  10.254  6.274   1.00 14.17 ? 15  DC  B N4    1 
ATOM   299 C  C5    . DC  B 1 3  ? -4.196  9.798   6.471   1.00 19.71 ? 15  DC  B C5    1 
ATOM   300 C  C6    . DC  B 1 3  ? -5.412  9.879   5.870   1.00 21.95 ? 15  DC  B C6    1 
ATOM   301 P  P     . DG  B 1 4  ? -10.259 7.651   2.954   1.00 29.99 ? 16  DG  B P     1 
ATOM   302 O  OP1   . DG  B 1 4  ? -11.729 7.669   2.752   1.00 33.21 ? 16  DG  B OP1   1 
ATOM   303 O  OP2   . DG  B 1 4  ? -9.642  6.721   3.925   1.00 31.88 ? 16  DG  B OP2   1 
ATOM   304 O  "O5'" . DG  B 1 4  ? -9.590  7.407   1.538   1.00 31.77 ? 16  DG  B "O5'" 1 
ATOM   305 C  "C5'" . DG  B 1 4  ? -9.882  8.412   0.558   1.00 30.00 ? 16  DG  B "C5'" 1 
ATOM   306 C  "C4'" . DG  B 1 4  ? -8.840  8.579   -0.504  1.00 30.04 ? 16  DG  B "C4'" 1 
ATOM   307 O  "O4'" . DG  B 1 4  ? -7.518  8.825   0.043   1.00 27.64 ? 16  DG  B "O4'" 1 
ATOM   308 C  "C3'" . DG  B 1 4  ? -8.736  7.284   -1.281  1.00 32.38 ? 16  DG  B "C3'" 1 
ATOM   309 O  "O3'" . DG  B 1 4  ? -8.383  7.656   -2.622  1.00 37.62 ? 16  DG  B "O3'" 1 
ATOM   310 C  "C2'" . DG  B 1 4  ? -7.612  6.576   -0.551  1.00 28.62 ? 16  DG  B "C2'" 1 
ATOM   311 C  "C1'" . DG  B 1 4  ? -6.685  7.697   -0.200  1.00 24.49 ? 16  DG  B "C1'" 1 
ATOM   312 N  N9    . DG  B 1 4  ? -5.911  7.416   1.012   1.00 22.18 ? 16  DG  B N9    1 
ATOM   313 C  C8    . DG  B 1 4  ? -6.258  6.731   2.138   1.00 16.48 ? 16  DG  B C8    1 
ATOM   314 N  N7    . DG  B 1 4  ? -5.295  6.690   3.024   1.00 19.74 ? 16  DG  B N7    1 
ATOM   315 C  C5    . DG  B 1 4  ? -4.260  7.375   2.462   1.00 17.73 ? 16  DG  B C5    1 
ATOM   316 C  C6    . DG  B 1 4  ? -2.959  7.652   2.931   1.00 16.89 ? 16  DG  B C6    1 
ATOM   317 O  O6    . DG  B 1 4  ? -2.438  7.345   3.998   1.00 22.99 ? 16  DG  B O6    1 
ATOM   318 N  N1    . DG  B 1 4  ? -2.216  8.377   2.026   1.00 19.08 ? 16  DG  B N1    1 
ATOM   319 C  C2    . DG  B 1 4  ? -2.668  8.790   0.802   1.00 18.87 ? 16  DG  B C2    1 
ATOM   320 N  N2    . DG  B 1 4  ? -1.849  9.479   0.032   1.00 16.71 ? 16  DG  B N2    1 
ATOM   321 N  N3    . DG  B 1 4  ? -3.875  8.544   0.346   1.00 19.78 ? 16  DG  B N3    1 
ATOM   322 C  C4    . DG  B 1 4  ? -4.623  7.832   1.211   1.00 18.87 ? 16  DG  B C4    1 
ATOM   323 P  P     . DA  B 1 5  ? -8.338  6.683   -3.859  1.00 36.51 ? 17  DA  B P     1 
ATOM   324 O  OP1   . DA  B 1 5  ? -9.116  7.295   -4.971  1.00 42.17 ? 17  DA  B OP1   1 
ATOM   325 O  OP2   . DA  B 1 5  ? -8.650  5.317   -3.373  1.00 37.92 ? 17  DA  B OP2   1 
ATOM   326 O  "O5'" . DA  B 1 5  ? -6.808  6.772   -4.230  1.00 34.37 ? 17  DA  B "O5'" 1 
ATOM   327 C  "C5'" . DA  B 1 5  ? -6.273  8.063   -4.455  1.00 29.77 ? 17  DA  B "C5'" 1 
ATOM   328 C  "C4'" . DA  B 1 5  ? -4.813  8.083   -4.749  1.00 29.21 ? 17  DA  B "C4'" 1 
ATOM   329 O  "O4'" . DA  B 1 5  ? -4.034  7.783   -3.590  1.00 29.28 ? 17  DA  B "O4'" 1 
ATOM   330 C  "C3'" . DA  B 1 5  ? -4.491  6.953   -5.731  1.00 32.21 ? 17  DA  B "C3'" 1 
ATOM   331 O  "O3'" . DA  B 1 5  ? -3.346  7.346   -6.517  1.00 39.18 ? 17  DA  B "O3'" 1 
ATOM   332 C  "C2'" . DA  B 1 5  ? -4.149  5.826   -4.792  1.00 29.29 ? 17  DA  B "C2'" 1 
ATOM   333 C  "C1'" . DA  B 1 5  ? -3.421  6.508   -3.687  1.00 25.78 ? 17  DA  B "C1'" 1 
ATOM   334 N  N9    . DA  B 1 5  ? -3.577  5.800   -2.410  1.00 22.83 ? 17  DA  B N9    1 
ATOM   335 C  C8    . DA  B 1 5  ? -4.626  5.066   -1.909  1.00 20.19 ? 17  DA  B C8    1 
ATOM   336 N  N7    . DA  B 1 5  ? -4.422  4.587   -0.722  1.00 19.99 ? 17  DA  B N7    1 
ATOM   337 C  C5    . DA  B 1 5  ? -3.173  5.023   -0.416  1.00 18.28 ? 17  DA  B C5    1 
ATOM   338 C  C6    . DA  B 1 5  ? -2.361  4.861   0.712   1.00 17.49 ? 17  DA  B C6    1 
ATOM   339 N  N6    . DA  B 1 5  ? -2.760  4.160   1.761   1.00 14.56 ? 17  DA  B N6    1 
ATOM   340 N  N1    . DA  B 1 5  ? -1.129  5.440   0.701   1.00 17.67 ? 17  DA  B N1    1 
ATOM   341 C  C2    . DA  B 1 5  ? -0.746  6.138   -0.377  1.00 14.51 ? 17  DA  B C2    1 
ATOM   342 N  N3    . DA  B 1 5  ? -1.411  6.370   -1.504  1.00 18.35 ? 17  DA  B N3    1 
ATOM   343 C  C4    . DA  B 1 5  ? -2.633  5.776   -1.454  1.00 17.60 ? 17  DA  B C4    1 
ATOM   344 P  P     . DA  B 1 6  ? -2.627  6.638   -7.762  1.00 36.66 ? 18  DA  B P     1 
ATOM   345 O  OP1   . DA  B 1 6  ? -2.120  7.771   -8.587  1.00 37.50 ? 18  DA  B OP1   1 
ATOM   346 O  OP2   . DA  B 1 6  ? -3.602  5.630   -8.256  1.00 35.93 ? 18  DA  B OP2   1 
ATOM   347 O  "O5'" . DA  B 1 6  ? -1.384  5.829   -7.143  1.00 36.64 ? 18  DA  B "O5'" 1 
ATOM   348 C  "C5'" . DA  B 1 6  ? -0.592  6.578   -6.222  1.00 31.76 ? 18  DA  B "C5'" 1 
ATOM   349 C  "C4'" . DA  B 1 6  ? 0.652   6.013   -5.580  1.00 30.21 ? 18  DA  B "C4'" 1 
ATOM   350 O  "O4'" . DA  B 1 6  ? 0.450   5.298   -4.341  1.00 25.77 ? 18  DA  B "O4'" 1 
ATOM   351 C  "C3'" . DA  B 1 6  ? 1.171   4.974   -6.491  1.00 31.99 ? 18  DA  B "C3'" 1 
ATOM   352 O  "O3'" . DA  B 1 6  ? 2.558   5.246   -6.399  1.00 35.03 ? 18  DA  B "O3'" 1 
ATOM   353 C  "C2'" . DA  B 1 6  ? 0.623   3.684   -5.832  1.00 31.39 ? 18  DA  B "C2'" 1 
ATOM   354 C  "C1'" . DA  B 1 6  ? 0.741   3.890   -4.305  1.00 25.83 ? 18  DA  B "C1'" 1 
ATOM   355 N  N9    . DA  B 1 6  ? -0.295  3.304   -3.349  1.00 23.34 ? 18  DA  B N9    1 
ATOM   356 C  C8    . DA  B 1 6  ? -1.613  3.332   -3.693  1.00 16.24 ? 18  DA  B C8    1 
ATOM   357 N  N7    . DA  B 1 6  ? -2.409  2.839   -2.805  1.00 22.86 ? 18  DA  B N7    1 
ATOM   358 C  C5    . DA  B 1 6  ? -1.617  2.448   -1.786  1.00 21.75 ? 18  DA  B C5    1 
ATOM   359 C  C6    . DA  B 1 6  ? -1.840  1.858   -0.545  1.00 18.49 ? 18  DA  B C6    1 
ATOM   360 N  N6    . DA  B 1 6  ? -2.870  1.442   0.146   1.00 21.15 ? 18  DA  B N6    1 
ATOM   361 N  N1    . DA  B 1 6  ? -0.803  1.621   0.157   1.00 22.39 ? 18  DA  B N1    1 
ATOM   362 C  C2    . DA  B 1 6  ? 0.393   1.801   -0.034  1.00 23.11 ? 18  DA  B C2    1 
ATOM   363 N  N3    . DA  B 1 6  ? 0.780   2.279   -1.035  1.00 26.18 ? 18  DA  B N3    1 
ATOM   364 C  C4    . DA  B 1 6  ? -0.239  2.682   -2.015  1.00 22.35 ? 18  DA  B C4    1 
ATOM   365 P  P     . DT  B 1 7  ? 3.613   4.533   -7.339  1.00 37.19 ? 19  DT  B P     1 
ATOM   366 O  OP1   . DT  B 1 7  ? 4.676   5.541   -7.519  1.00 36.16 ? 19  DT  B OP1   1 
ATOM   367 O  OP2   . DT  B 1 7  ? 2.914   3.867   -8.469  1.00 35.43 ? 19  DT  B OP2   1 
ATOM   368 O  "O5'" . DT  B 1 7  ? 4.174   3.349   -6.498  1.00 33.24 ? 19  DT  B "O5'" 1 
ATOM   369 C  "C5'" . DT  B 1 7  ? 5.014   3.868   -5.522  1.00 28.89 ? 19  DT  B "C5'" 1 
ATOM   370 C  "C4'" . DT  B 1 7  ? 5.254   2.995   -4.363  1.00 28.48 ? 19  DT  B "C4'" 1 
ATOM   371 O  "O4'" . DT  B 1 7  ? 4.002   2.525   -3.730  1.00 25.05 ? 19  DT  B "O4'" 1 
ATOM   372 C  "C3'" . DT  B 1 7  ? 5.837   1.739   -4.958  1.00 26.89 ? 19  DT  B "C3'" 1 
ATOM   373 O  "O3'" . DT  B 1 7  ? 6.946   1.420   -4.172  1.00 31.19 ? 19  DT  B "O3'" 1 
ATOM   374 C  "C2'" . DT  B 1 7  ? 4.698   0.735   -4.932  1.00 28.12 ? 19  DT  B "C2'" 1 
ATOM   375 C  "C1'" . DT  B 1 7  ? 3.994   1.123   -3.651  1.00 22.32 ? 19  DT  B "C1'" 1 
ATOM   376 N  N1    . DT  B 1 7  ? 2.611   0.610   -3.510  1.00 18.10 ? 19  DT  B N1    1 
ATOM   377 C  C2    . DT  B 1 7  ? 2.289   0.076   -2.266  1.00 16.33 ? 19  DT  B C2    1 
ATOM   378 O  O2    . DT  B 1 7  ? 3.041   0.022   -1.283  1.00 13.47 ? 19  DT  B O2    1 
ATOM   379 N  N3    . DT  B 1 7  ? 1.012   -0.432  -2.169  1.00 11.35 ? 19  DT  B N3    1 
ATOM   380 C  C4    . DT  B 1 7  ? 0.008   -0.493  -3.088  1.00 15.69 ? 19  DT  B C4    1 
ATOM   381 O  O4    . DT  B 1 7  ? -1.098  -0.967  -2.802  1.00 13.62 ? 19  DT  B O4    1 
ATOM   382 C  C5    . DT  B 1 7  ? 0.429   0.082   -4.340  1.00 16.37 ? 19  DT  B C5    1 
ATOM   383 C  C7    . DT  B 1 7  ? -0.564  0.109   -5.462  1.00 17.53 ? 19  DT  B C7    1 
ATOM   384 C  C6    . DT  B 1 7  ? 1.678   0.603   -4.516  1.00 17.17 ? 19  DT  B C6    1 
ATOM   385 P  P     . DT  B 1 8  ? 8.104   0.434   -4.676  1.00 30.60 ? 20  DT  B P     1 
ATOM   386 O  OP1   . DT  B 1 8  ? 9.353   1.123   -4.307  1.00 30.81 ? 20  DT  B OP1   1 
ATOM   387 O  OP2   . DT  B 1 8  ? 7.847   -0.020  -6.055  1.00 33.60 ? 20  DT  B OP2   1 
ATOM   388 O  "O5'" . DT  B 1 8  ? 7.809   -0.863  -3.725  1.00 31.77 ? 20  DT  B "O5'" 1 
ATOM   389 C  "C5'" . DT  B 1 8  ? 7.918   -0.589  -2.319  1.00 25.93 ? 20  DT  B "C5'" 1 
ATOM   390 C  "C4'" . DT  B 1 8  ? 7.569   -1.591  -1.231  1.00 21.76 ? 20  DT  B "C4'" 1 
ATOM   391 O  "O4'" . DT  B 1 8  ? 6.155   -1.974  -1.291  1.00 20.09 ? 20  DT  B "O4'" 1 
ATOM   392 C  "C3'" . DT  B 1 8  ? 8.214   -2.902  -1.558  1.00 21.81 ? 20  DT  B "C3'" 1 
ATOM   393 O  "O3'" . DT  B 1 8  ? 8.864   -3.414  -0.418  1.00 28.84 ? 20  DT  B "O3'" 1 
ATOM   394 C  "C2'" . DT  B 1 8  ? 7.110   -3.807  -2.098  1.00 20.34 ? 20  DT  B "C2'" 1 
ATOM   395 C  "C1'" . DT  B 1 8  ? 5.932   -3.356  -1.351  1.00 16.45 ? 20  DT  B "C1'" 1 
ATOM   396 N  N1    . DT  B 1 8  ? 4.599   -3.447  -1.944  1.00 17.77 ? 20  DT  B N1    1 
ATOM   397 C  C2    . DT  B 1 8  ? 3.556   -3.870  -1.140  1.00 17.21 ? 20  DT  B C2    1 
ATOM   398 O  O2    . DT  B 1 8  ? 3.665   -4.162  0.044   1.00 16.10 ? 20  DT  B O2    1 
ATOM   399 N  N3    . DT  B 1 8  ? 2.313   -3.944  -1.739  1.00 18.44 ? 20  DT  B N3    1 
ATOM   400 C  C4    . DT  B 1 8  ? 2.014   -3.625  -3.062  1.00 18.47 ? 20  DT  B C4    1 
ATOM   401 O  O4    . DT  B 1 8  ? 0.872   -3.702  -3.510  1.00 19.76 ? 20  DT  B O4    1 
ATOM   402 C  C5    . DT  B 1 8  ? 3.151   -3.194  -3.807  1.00 17.43 ? 20  DT  B C5    1 
ATOM   403 C  C7    . DT  B 1 8  ? 2.972   -2.822  -5.262  1.00 19.19 ? 20  DT  B C7    1 
ATOM   404 C  C6    . DT  B 1 8  ? 4.373   -3.118  -3.246  1.00 18.72 ? 20  DT  B C6    1 
ATOM   405 P  P     . DC  B 1 9  ? 9.790   -4.719  -0.559  1.00 33.77 ? 21  DC  B P     1 
ATOM   406 O  OP1   . DC  B 1 9  ? 10.953  -4.544  0.350   1.00 35.48 ? 21  DC  B OP1   1 
ATOM   407 O  OP2   . DC  B 1 9  ? 10.001  -5.047  -1.984  1.00 36.99 ? 21  DC  B OP2   1 
ATOM   408 O  "O5'" . DC  B 1 9  ? 8.880   -5.887  -0.082  1.00 32.01 ? 21  DC  B "O5'" 1 
ATOM   409 C  "C5'" . DC  B 1 9  ? 8.413   -5.666  1.205   1.00 26.15 ? 21  DC  B "C5'" 1 
ATOM   410 C  "C4'" . DC  B 1 9  ? 7.412   -6.606  1.721   1.00 22.91 ? 21  DC  B "C4'" 1 
ATOM   411 O  "O4'" . DC  B 1 9  ? 6.199   -6.588  0.912   1.00 18.91 ? 21  DC  B "O4'" 1 
ATOM   412 C  "C3'" . DC  B 1 9  ? 7.990   -8.000  1.491   1.00 25.01 ? 21  DC  B "C3'" 1 
ATOM   413 O  "O3'" . DC  B 1 9  ? 7.954   -8.670  2.769   1.00 28.03 ? 21  DC  B "O3'" 1 
ATOM   414 C  "C2'" . DC  B 1 9  ? 7.207   -8.593  0.273   1.00 22.13 ? 21  DC  B "C2'" 1 
ATOM   415 C  "C1'" . DC  B 1 9  ? 5.874   -7.906  0.403   1.00 20.29 ? 21  DC  B "C1'" 1 
ATOM   416 N  N1    . DC  B 1 9  ? 5.048   -7.598  -0.793  1.00 18.87 ? 21  DC  B N1    1 
ATOM   417 C  C2    . DC  B 1 9  ? 3.671   -7.893  -0.736  1.00 16.78 ? 21  DC  B C2    1 
ATOM   418 O  O2    . DC  B 1 9  ? 3.145   -8.395  0.251   1.00 19.97 ? 21  DC  B O2    1 
ATOM   419 N  N3    . DC  B 1 9  ? 2.874   -7.608  -1.805  1.00 16.30 ? 21  DC  B N3    1 
ATOM   420 C  C4    . DC  B 1 9  ? 3.429   -7.055  -2.899  1.00 15.58 ? 21  DC  B C4    1 
ATOM   421 N  N4    . DC  B 1 9  ? 2.660   -6.790  -3.932  1.00 13.94 ? 21  DC  B N4    1 
ATOM   422 C  C5    . DC  B 1 9  ? 4.825   -6.746  -2.978  1.00 17.08 ? 21  DC  B C5    1 
ATOM   423 C  C6    . DC  B 1 9  ? 5.596   -7.039  -1.903  1.00 18.18 ? 21  DC  B C6    1 
ATOM   424 P  P     . DG  B 1 10 ? 8.783   -9.995  2.920   1.00 32.22 ? 22  DG  B P     1 
ATOM   425 O  OP1   . DG  B 1 10 ? 9.086   -10.266 4.342   1.00 35.57 ? 22  DG  B OP1   1 
ATOM   426 O  OP2   . DG  B 1 10 ? 9.851   -9.981  1.886   1.00 30.80 ? 22  DG  B OP2   1 
ATOM   427 O  "O5'" . DG  B 1 10 ? 7.701   -11.097 2.474   1.00 34.94 ? 22  DG  B "O5'" 1 
ATOM   428 C  "C5'" . DG  B 1 10 ? 6.569   -11.268 3.313   1.00 31.06 ? 22  DG  B "C5'" 1 
ATOM   429 C  "C4'" . DG  B 1 10 ? 5.506   -12.266 2.910   1.00 28.43 ? 22  DG  B "C4'" 1 
ATOM   430 O  "O4'" . DG  B 1 10 ? 4.737   -11.782 1.802   1.00 27.38 ? 22  DG  B "O4'" 1 
ATOM   431 C  "C3'" . DG  B 1 10 ? 6.168   -13.542 2.402   1.00 29.75 ? 22  DG  B "C3'" 1 
ATOM   432 O  "O3'" . DG  B 1 10 ? 5.291   -14.621 2.525   1.00 34.73 ? 22  DG  B "O3'" 1 
ATOM   433 C  "C2'" . DG  B 1 10 ? 6.274   -13.310 0.912   1.00 26.64 ? 22  DG  B "C2'" 1 
ATOM   434 C  "C1'" . DG  B 1 10 ? 4.914   -12.670 0.693   1.00 25.53 ? 22  DG  B "C1'" 1 
ATOM   435 N  N9    . DG  B 1 10 ? 4.796   -11.943 -0.605  1.00 20.96 ? 22  DG  B N9    1 
ATOM   436 C  C8    . DG  B 1 10 ? 5.781   -11.390 -1.371  1.00 18.94 ? 22  DG  B C8    1 
ATOM   437 N  N7    . DG  B 1 10 ? 5.334   -10.829 -2.465  1.00 20.23 ? 22  DG  B N7    1 
ATOM   438 C  C5    . DG  B 1 10 ? 4.002   -11.010 -2.436  1.00 13.92 ? 22  DG  B C5    1 
ATOM   439 C  C6    . DG  B 1 10 ? 3.047   -10.616 -3.348  1.00 13.41 ? 22  DG  B C6    1 
ATOM   440 O  O6    . DG  B 1 10 ? 3.216   -10.011 -4.393  1.00 14.29 ? 22  DG  B O6    1 
ATOM   441 N  N1    . DG  B 1 10 ? 1.791   -11.001 -2.945  1.00 14.15 ? 22  DG  B N1    1 
ATOM   442 C  C2    . DG  B 1 10 ? 1.530   -11.681 -1.809  1.00 11.10 ? 22  DG  B C2    1 
ATOM   443 N  N2    . DG  B 1 10 ? 0.296   -11.978 -1.590  1.00 16.91 ? 22  DG  B N2    1 
ATOM   444 N  N3    . DG  B 1 10 ? 2.399   -12.071 -0.917  1.00 12.72 ? 22  DG  B N3    1 
ATOM   445 C  C4    . DG  B 1 10 ? 3.628   -11.698 -1.289  1.00 15.25 ? 22  DG  B C4    1 
ATOM   446 P  P     . DC  B 1 11 ? 5.575   -15.892 3.411   1.00 38.18 ? 23  DC  B P     1 
ATOM   447 O  OP1   . DC  B 1 11 ? 5.828   -15.402 4.781   1.00 39.16 ? 23  DC  B OP1   1 
ATOM   448 O  OP2   . DC  B 1 11 ? 6.574   -16.727 2.706   1.00 38.42 ? 23  DC  B OP2   1 
ATOM   449 O  "O5'" . DC  B 1 11 ? 4.134   -16.613 3.330   1.00 37.28 ? 23  DC  B "O5'" 1 
ATOM   450 C  "C5'" . DC  B 1 11 ? 2.983   -15.772 3.579   1.00 35.75 ? 23  DC  B "C5'" 1 
ATOM   451 C  "C4'" . DC  B 1 11 ? 1.656   -16.186 2.970   1.00 33.47 ? 23  DC  B "C4'" 1 
ATOM   452 O  "O4'" . DC  B 1 11 ? 1.395   -15.510 1.716   1.00 31.59 ? 23  DC  B "O4'" 1 
ATOM   453 C  "C3'" . DC  B 1 11 ? 1.793   -17.672 2.681   1.00 34.41 ? 23  DC  B "C3'" 1 
ATOM   454 O  "O3'" . DC  B 1 11 ? 0.639   -18.501 2.709   1.00 41.84 ? 23  DC  B "O3'" 1 
ATOM   455 C  "C2'" . DC  B 1 11 ? 2.181   -17.617 1.252   1.00 33.38 ? 23  DC  B "C2'" 1 
ATOM   456 C  "C1'" . DC  B 1 11 ? 1.436   -16.448 0.633   1.00 29.86 ? 23  DC  B "C1'" 1 
ATOM   457 N  N1    . DC  B 1 11 ? 2.226   -15.925 -0.534  1.00 25.80 ? 23  DC  B N1    1 
ATOM   458 C  C2    . DC  B 1 11 ? 1.564   -15.453 -1.638  1.00 18.52 ? 23  DC  B C2    1 
ATOM   459 O  O2    . DC  B 1 11 ? 0.352   -15.441 -1.677  1.00 16.06 ? 23  DC  B O2    1 
ATOM   460 N  N3    . DC  B 1 11 ? 2.300   -14.982 -2.682  1.00 18.41 ? 23  DC  B N3    1 
ATOM   461 C  C4    . DC  B 1 11 ? 3.632   -14.976 -2.662  1.00 19.62 ? 23  DC  B C4    1 
ATOM   462 N  N4    . DC  B 1 11 ? 4.321   -14.502 -3.683  1.00 15.21 ? 23  DC  B N4    1 
ATOM   463 C  C5    . DC  B 1 11 ? 4.350   -15.467 -1.519  1.00 21.34 ? 23  DC  B C5    1 
ATOM   464 C  C6    . DC  B 1 11 ? 3.605   -15.927 -0.494  1.00 23.89 ? 23  DC  B C6    1 
ATOM   465 P  P     . DG  B 1 12 ? 0.775   -20.157 2.870   1.00 46.77 ? 24  DG  B P     1 
ATOM   466 O  OP1   . DG  B 1 12 ? 0.259   -20.407 4.230   1.00 52.63 ? 24  DG  B OP1   1 
ATOM   467 O  OP2   . DG  B 1 12 ? 2.130   -20.667 2.520   1.00 47.04 ? 24  DG  B OP2   1 
ATOM   468 O  "O5'" . DG  B 1 12 ? -0.347  -20.652 1.827   1.00 45.04 ? 24  DG  B "O5'" 1 
ATOM   469 C  "C5'" . DG  B 1 12 ? -0.735  -19.762 0.778   1.00 39.20 ? 24  DG  B "C5'" 1 
ATOM   470 C  "C4'" . DG  B 1 12 ? -1.850  -20.193 -0.088  1.00 34.98 ? 24  DG  B "C4'" 1 
ATOM   471 O  "O4'" . DG  B 1 12 ? -1.841  -19.124 -1.075  1.00 32.40 ? 24  DG  B "O4'" 1 
ATOM   472 C  "C3'" . DG  B 1 12 ? -1.699  -21.535 -0.816  1.00 31.02 ? 24  DG  B "C3'" 1 
ATOM   473 O  "O3'" . DG  B 1 12 ? -2.906  -22.235 -1.006  1.00 37.33 ? 24  DG  B "O3'" 1 
ATOM   474 C  "C2'" . DG  B 1 12 ? -1.131  -21.136 -2.137  1.00 30.80 ? 24  DG  B "C2'" 1 
ATOM   475 C  "C1'" . DG  B 1 12 ? -1.325  -19.626 -2.342  1.00 28.33 ? 24  DG  B "C1'" 1 
ATOM   476 N  N9    . DG  B 1 12 ? 0.063   -19.208 -2.704  1.00 20.51 ? 24  DG  B N9    1 
ATOM   477 C  C8    . DG  B 1 12 ? 1.227   -19.427 -2.017  1.00 21.59 ? 24  DG  B C8    1 
ATOM   478 N  N7    . DG  B 1 12 ? 2.311   -18.986 -2.559  1.00 18.29 ? 24  DG  B N7    1 
ATOM   479 C  C5    . DG  B 1 12 ? 1.856   -18.432 -3.697  1.00 16.32 ? 24  DG  B C5    1 
ATOM   480 C  C6    . DG  B 1 12 ? 2.590   -17.792 -4.696  1.00 13.04 ? 24  DG  B C6    1 
ATOM   481 O  O6    . DG  B 1 12 ? 3.817   -17.631 -4.702  1.00 17.56 ? 24  DG  B O6    1 
ATOM   482 N  N1    . DG  B 1 12 ? 1.770   -17.360 -5.691  1.00 11.23 ? 24  DG  B N1    1 
ATOM   483 C  C2    . DG  B 1 12 ? 0.402   -17.527 -5.726  1.00 14.80 ? 24  DG  B C2    1 
ATOM   484 N  N2    . DG  B 1 12 ? -0.285  -17.078 -6.751  1.00 12.60 ? 24  DG  B N2    1 
ATOM   485 N  N3    . DG  B 1 12 ? -0.315  -18.124 -4.801  1.00 18.75 ? 24  DG  B N3    1 
ATOM   486 C  C4    . DG  B 1 12 ? 0.473   -18.555 -3.807  1.00 17.61 ? 24  DG  B C4    1 
HETATM 487 C  C1    . IBB C 2 .  ? 4.177   6.128   -2.163  1.00 29.26 ? 25  IBB A C1    1 
HETATM 488 C  C2    . IBB C 2 .  ? 2.286   7.452   -2.670  1.00 30.44 ? 25  IBB A C2    1 
HETATM 489 C  C3    . IBB C 2 .  ? 3.510   7.967   -3.457  1.00 31.33 ? 25  IBB A C3    1 
HETATM 490 C  C4    . IBB C 2 .  ? 4.999   5.098   -1.532  1.00 28.71 ? 25  IBB A C4    1 
HETATM 491 C  C5    . IBB C 2 .  ? 6.399   5.260   -1.523  1.00 31.52 ? 25  IBB A C5    1 
HETATM 492 C  C6    . IBB C 2 .  ? 7.215   4.292   -0.887  1.00 33.23 ? 25  IBB A C6    1 
HETATM 493 C  C7    . IBB C 2 .  ? 6.674   3.152   -0.263  1.00 30.53 ? 25  IBB A C7    1 
HETATM 494 C  C8    . IBB C 2 .  ? 5.278   3.025   -0.312  1.00 25.87 ? 25  IBB A C8    1 
HETATM 495 C  C9    . IBB C 2 .  ? 4.441   3.959   -0.920  1.00 25.12 ? 25  IBB A C9    1 
HETATM 496 C  C10   . IBB C 2 .  ? 6.185   1.398   0.711   1.00 20.02 ? 25  IBB A C10   1 
HETATM 497 C  C11   . IBB C 2 .  ? 5.273   -1.867  2.162   1.00 18.72 ? 25  IBB A C11   1 
HETATM 498 C  C12   . IBB C 2 .  ? 6.471   -2.267  2.788   1.00 20.06 ? 25  IBB A C12   1 
HETATM 499 C  C13   . IBB C 2 .  ? 7.574   -1.402  2.735   1.00 18.59 ? 25  IBB A C13   1 
HETATM 500 C  C14   . IBB C 2 .  ? 7.476   -0.178  2.043   1.00 18.15 ? 25  IBB A C14   1 
HETATM 501 C  C15   . IBB C 2 .  ? 5.037   -3.782  3.067   1.00 24.27 ? 25  IBB A C15   1 
HETATM 502 C  C16   . IBB C 2 .  ? 4.487   -5.060  3.530   1.00 22.62 ? 25  IBB A C16   1 
HETATM 503 C  C17   . IBB C 2 .  ? 3.370   -5.595  2.937   1.00 24.97 ? 25  IBB A C17   1 
HETATM 504 C  C18   . IBB C 2 .  ? 2.969   -6.867  3.327   1.00 28.00 ? 25  IBB A C18   1 
HETATM 505 C  C19   . IBB C 2 .  ? 3.680   -7.579  4.288   1.00 30.61 ? 25  IBB A C19   1 
HETATM 506 C  C20   . IBB C 2 .  ? 4.759   -7.012  4.938   1.00 26.57 ? 25  IBB A C20   1 
HETATM 507 C  C21   . IBB C 2 .  ? 5.160   -5.738  4.550   1.00 23.54 ? 25  IBB A C21   1 
HETATM 508 C  C22   . IBB C 2 .  ? 6.272   0.169   1.427   1.00 14.66 ? 25  IBB A C22   1 
HETATM 509 C  C23   . IBB C 2 .  ? 5.150   -0.658  1.496   1.00 17.62 ? 25  IBB A C23   1 
HETATM 510 N  N1    . IBB C 2 .  ? 2.806   6.249   -2.041  1.00 33.56 ? 25  IBB A N1    1 
HETATM 511 N  N2    . IBB C 2 .  ? 4.627   7.156   -2.964  1.00 30.28 ? 25  IBB A N2    1 
HETATM 512 N  N3    . IBB C 2 .  ? 4.966   1.869   0.320   1.00 26.81 ? 25  IBB A N3    1 
HETATM 513 N  N4    . IBB C 2 .  ? 7.231   2.099   0.409   1.00 26.03 ? 25  IBB A N4    1 
HETATM 514 N  N5    . IBB C 2 .  ? 6.285   -3.480  3.350   1.00 25.16 ? 25  IBB A N5    1 
HETATM 515 N  N6    . IBB C 2 .  ? 4.336   -2.846  2.335   1.00 23.05 ? 25  IBB A N6    1 
HETATM 516 O  O1    . IBB C 2 .  ? 3.330   -8.875  4.550   1.00 37.14 ? 25  IBB A O1    1 
HETATM 517 MG MG    . MG  D 3 .  ? -1.101  -5.032  11.826  1.00 22.07 ? 26  MG  A MG    1 
HETATM 518 O  O     . HOH E 4 .  ? -10.247 -10.977 2.137   1.00 47.58 ? 29  HOH A O     1 
HETATM 519 O  O     . HOH E 4 .  ? 10.085  1.398   2.896   1.00 50.37 ? 30  HOH A O     1 
HETATM 520 O  O     . HOH E 4 .  ? -0.162  -5.918  -6.156  1.00 48.49 ? 31  HOH A O     1 
HETATM 521 O  O     . HOH E 4 .  ? 6.549   13.843  2.288   1.00 66.32 ? 33  HOH A O     1 
HETATM 522 O  O     . HOH E 4 .  ? -0.872  12.711  -1.647  1.00 35.57 ? 34  HOH A O     1 
HETATM 523 O  O     . HOH E 4 .  ? -0.029  -9.904  -11.702 1.00 35.82 ? 37  HOH A O     1 
HETATM 524 O  O     . HOH E 4 .  ? -3.513  -3.114  7.154   1.00 30.06 ? 38  HOH A O     1 
HETATM 525 O  O     . HOH E 4 .  ? 7.260   7.040   -4.044  1.00 48.38 ? 40  HOH A O     1 
HETATM 526 O  O     . HOH E 4 .  ? -2.044  -1.355  9.120   1.00 38.65 ? 41  HOH A O     1 
HETATM 527 O  O     . HOH E 4 .  ? 10.136  11.529  -2.959  1.00 44.20 ? 42  HOH A O     1 
HETATM 528 O  O     . HOH E 4 .  ? -1.946  -10.535 1.944   1.00 47.17 ? 43  HOH A O     1 
HETATM 529 O  O     . HOH E 4 .  ? -3.659  -11.305 -15.466 1.00 47.43 ? 44  HOH A O     1 
HETATM 530 O  O     . HOH E 4 .  ? 11.008  -0.410  0.728   1.00 46.65 ? 45  HOH A O     1 
HETATM 531 O  O     . HOH E 4 .  ? 1.203   -7.260  -8.254  1.00 44.71 ? 47  HOH A O     1 
HETATM 532 O  O     . HOH E 4 .  ? -11.142 -12.330 -3.800  1.00 46.99 ? 49  HOH A O     1 
HETATM 533 O  O     . HOH E 4 .  ? 10.462  0.350   5.335   1.00 66.08 ? 50  HOH A O     1 
HETATM 534 O  O     . HOH E 4 .  ? -3.948  -1.765  12.009  1.00 37.32 ? 52  HOH A O     1 
HETATM 535 O  O     . HOH E 4 .  ? -9.972  -10.966 -9.389  1.00 30.43 ? 54  HOH A O     1 
HETATM 536 O  O     . HOH E 4 .  ? -3.320  21.012  -4.071  1.00 42.10 ? 55  HOH A O     1 
HETATM 537 O  O     . HOH E 4 .  ? 8.279   -1.554  6.864   1.00 63.61 ? 58  HOH A O     1 
HETATM 538 O  O     . HOH E 4 .  ? 2.394   -7.816  11.127  1.00 67.04 ? 60  HOH A O     1 
HETATM 539 O  O     . HOH E 4 .  ? 0.724   -8.769  3.585   1.00 42.04 ? 62  HOH A O     1 
HETATM 540 O  O     . HOH E 4 .  ? -2.980  3.734   6.048   1.00 43.94 ? 63  HOH A O     1 
HETATM 541 O  O     . HOH E 4 .  ? 2.599   -10.087 -11.375 1.00 31.92 ? 65  HOH A O     1 
HETATM 542 O  O     . HOH E 4 .  ? 5.011   -9.753  6.647   1.00 61.40 ? 66  HOH A O     1 
HETATM 543 O  O     . HOH E 4 .  ? 6.233   -16.493 -13.216 1.00 53.05 ? 67  HOH A O     1 
HETATM 544 O  O     . HOH E 4 .  ? -0.861  -7.671  -10.424 1.00 44.40 ? 69  HOH A O     1 
HETATM 545 O  O     . HOH E 4 .  ? 4.401   -17.584 -11.247 1.00 42.98 ? 70  HOH A O     1 
HETATM 546 O  O     . HOH E 4 .  ? 1.249   10.890  -2.768  1.00 36.84 ? 72  HOH A O     1 
HETATM 547 O  O     . HOH E 4 .  ? 0.167   20.928  -0.628  1.00 64.60 ? 75  HOH A O     1 
HETATM 548 O  O     . HOH E 4 .  ? 1.750   -12.742 -17.137 1.00 42.52 ? 76  HOH A O     1 
HETATM 549 O  O     . HOH E 4 .  ? 0.451   -0.417  8.669   1.00 21.67 ? 78  HOH A O     1 
HETATM 550 O  O     . HOH E 4 .  ? -10.355 -11.230 -6.456  1.00 45.23 ? 79  HOH A O     1 
HETATM 551 O  O     . HOH E 4 .  ? -4.395  -1.636  2.551   1.00 44.28 ? 80  HOH A O     1 
HETATM 552 O  O     . HOH E 4 .  ? -5.604  -10.159 -13.924 1.00 41.93 ? 83  HOH A O     1 
HETATM 553 O  O     . HOH E 4 .  ? -3.020  -5.632  -5.610  1.00 60.80 ? 86  HOH A O     1 
HETATM 554 O  O     . HOH E 4 .  ? 3.590   11.507  5.556   1.00 78.65 ? 87  HOH A O     1 
HETATM 555 O  O     . HOH E 4 .  ? 7.133   10.254  -4.428  1.00 52.65 ? 88  HOH A O     1 
HETATM 556 O  O     . HOH E 4 .  ? 10.547  4.490   2.735   1.00 48.27 ? 89  HOH A O     1 
HETATM 557 O  O     . HOH E 4 .  ? -4.692  -3.778  -1.488  1.00 45.06 ? 90  HOH A O     1 
HETATM 558 O  O     . HOH E 4 .  ? -2.926  -11.102 -1.012  1.00 55.42 ? 91  HOH A O     1 
HETATM 559 O  O     . HOH E 4 .  ? 8.134   14.853  -3.495  1.00 55.29 ? 92  HOH A O     1 
HETATM 560 O  O     . HOH E 4 .  ? -9.552  -7.873  -8.388  1.00 51.03 ? 93  HOH A O     1 
HETATM 561 O  O     . HOH E 4 .  ? 8.950   8.545   -1.968  1.00 49.39 ? 94  HOH A O     1 
HETATM 562 O  O     . HOH E 4 .  ? -3.495  1.613   7.916   1.00 59.10 ? 95  HOH A O     1 
HETATM 563 O  O     . HOH E 4 .  ? -4.908  13.930  -7.974  1.00 58.35 ? 100 HOH A O     1 
HETATM 564 O  O     . HOH E 4 .  ? -13.860 -9.398  4.847   1.00 57.01 ? 101 HOH A O     1 
HETATM 565 O  O     . HOH E 4 .  ? 1.654   7.943   7.103   1.00 58.63 ? 102 HOH A O     1 
HETATM 566 O  O     . HOH E 4 .  ? 6.246   -18.527 -9.111  1.00 62.62 ? 103 HOH A O     1 
HETATM 567 O  O     . HOH E 4 .  ? -13.206 -10.768 2.467   1.00 66.23 ? 104 HOH A O     1 
HETATM 568 O  O     . HOH E 4 .  ? -1.050  -9.478  -17.292 1.00 58.10 ? 105 HOH A O     1 
HETATM 569 O  O     . HOH E 4 .  ? 5.095   8.744   5.877   1.00 51.00 ? 106 HOH A O     1 
HETATM 570 O  O     . HOH E 4 .  ? -8.202  -8.925  -12.436 1.00 59.58 ? 107 HOH A O     1 
HETATM 571 O  O     . HOH E 4 .  ? 9.793   10.256  -0.037  1.00 53.91 ? 108 HOH A O     1 
HETATM 572 O  O     . HOH E 4 .  ? -7.811  -12.507 -12.322 1.00 58.00 ? 109 HOH A O     1 
HETATM 573 O  O     . HOH E 4 .  ? -0.519  -3.600  10.291  1.00 32.76 ? 111 HOH A O     1 
HETATM 574 O  O     . HOH E 4 .  ? 0.728   -4.708  12.991  1.00 19.65 ? 112 HOH A O     1 
HETATM 575 O  O     . HOH E 4 .  ? -2.062  -3.553  13.142  1.00 23.28 ? 113 HOH A O     1 
HETATM 576 O  O     . HOH E 4 .  ? -1.816  -6.654  13.298  1.00 29.77 ? 114 HOH A O     1 
HETATM 577 O  O     . HOH E 4 .  ? -3.098  -5.251  10.916  1.00 25.75 ? 115 HOH A O     1 
HETATM 578 O  O     . HOH E 4 .  ? -0.164  -6.777  10.757  1.00 36.35 ? 116 HOH A O     1 
HETATM 579 O  O     . HOH F 4 .  ? 9.723   -10.952 -0.887  1.00 49.72 ? 27  HOH B O     1 
HETATM 580 O  O     . HOH F 4 .  ? 2.571   0.587   -7.537  1.00 36.46 ? 28  HOH B O     1 
HETATM 581 O  O     . HOH F 4 .  ? 1.757   -12.666 1.804   1.00 35.72 ? 32  HOH B O     1 
HETATM 582 O  O     . HOH F 4 .  ? 8.337   -7.218  -3.131  1.00 52.98 ? 35  HOH B O     1 
HETATM 583 O  O     . HOH F 4 .  ? -5.322  5.663   5.649   1.00 47.75 ? 36  HOH B O     1 
HETATM 584 O  O     . HOH F 4 .  ? 4.436   -19.267 -0.668  1.00 51.07 ? 39  HOH B O     1 
HETATM 585 O  O     . HOH F 4 .  ? 10.127  -4.322  -5.589  1.00 71.56 ? 46  HOH B O     1 
HETATM 586 O  O     . HOH F 4 .  ? -3.030  3.213   -6.928  1.00 83.55 ? 48  HOH B O     1 
HETATM 587 O  O     . HOH F 4 .  ? 5.083   -1.174  -7.920  1.00 75.60 ? 51  HOH B O     1 
HETATM 588 O  O     . HOH F 4 .  ? -7.716  7.000   7.416   1.00 57.75 ? 53  HOH B O     1 
HETATM 589 O  O     . HOH F 4 .  ? -0.133  14.799  12.869  1.00 65.19 ? 56  HOH B O     1 
HETATM 590 O  O     . HOH F 4 .  ? 6.938   -9.725  -4.398  1.00 25.76 ? 57  HOH B O     1 
HETATM 591 O  O     . HOH F 4 .  ? 6.503   -5.155  -6.340  1.00 55.42 ? 59  HOH B O     1 
HETATM 592 O  O     . HOH F 4 .  ? -2.863  6.330   6.861   1.00 31.38 ? 61  HOH B O     1 
HETATM 593 O  O     . HOH F 4 .  ? -1.774  12.423  10.972  1.00 58.85 ? 64  HOH B O     1 
HETATM 594 O  O     . HOH F 4 .  ? -3.434  -2.124  -3.385  1.00 64.99 ? 68  HOH B O     1 
HETATM 595 O  O     . HOH F 4 .  ? 10.138  -14.004 2.084   1.00 41.69 ? 71  HOH B O     1 
HETATM 596 O  O     . HOH F 4 .  ? -8.673  4.114   4.098   1.00 67.57 ? 73  HOH B O     1 
HETATM 597 O  O     . HOH F 4 .  ? -3.662  5.611   -11.259 1.00 67.99 ? 74  HOH B O     1 
HETATM 598 O  O     . HOH F 4 .  ? -5.259  -0.143  0.313   1.00 43.11 ? 77  HOH B O     1 
HETATM 599 O  O     . HOH F 4 .  ? 3.905   -6.319  -6.693  1.00 29.64 ? 81  HOH B O     1 
HETATM 600 O  O     . HOH F 4 .  ? 9.837   -15.757 4.401   1.00 42.18 ? 82  HOH B O     1 
HETATM 601 O  O     . HOH F 4 .  ? -8.283  15.824  14.161  1.00 41.09 ? 84  HOH B O     1 
HETATM 602 O  O     . HOH F 4 .  ? -14.187 8.410   1.478   1.00 70.39 ? 85  HOH B O     1 
HETATM 603 O  O     . HOH F 4 .  ? -1.179  -17.704 4.621   1.00 58.34 ? 96  HOH B O     1 
HETATM 604 O  O     . HOH F 4 .  ? -4.929  9.382   10.430  1.00 63.14 ? 97  HOH B O     1 
HETATM 605 O  O     . HOH F 4 .  ? -0.559  12.539  8.479   1.00 61.37 ? 98  HOH B O     1 
HETATM 606 O  O     . HOH F 4 .  ? -7.244  8.437   11.784  1.00 55.81 ? 99  HOH B O     1 
HETATM 607 O  O     . HOH F 4 .  ? -8.548  10.318  -2.764  1.00 64.30 ? 110 HOH B O     1 
# 
